data_8J0H
#
_entry.id   8J0H
#
_cell.length_a   159.014
_cell.length_b   138.481
_cell.length_c   50.897
_cell.angle_alpha   90.00
_cell.angle_beta   90.00
_cell.angle_gamma   90.00
#
_symmetry.space_group_name_H-M   'P 21 21 2'
#
_entity_poly.entity_id   1
_entity_poly.type   'polypeptide(L)'
_entity_poly.pdbx_seq_one_letter_code
;GPLGS(MSE)YHLPD(MSE)EETVNKILRAQETRAQLYKELEDALNANQEKKIGLEQ(MSE)GIIVQLVTEGLNEVSSDI
RNYQASLTKELKLLVDSLQEKERSKLQATVKLEQLKVVSTNSPVENTQISELEARLSSLSKEINDILQN(MSE)KDEI
;
_entity_poly.pdbx_strand_id   A,B,C,D,E,F,G,H
#
# COMPACT_ATOMS: atom_id res chain seq x y z
N LEU A 9 1.89 -10.61 -2.88
CA LEU A 9 3.10 -10.69 -3.69
C LEU A 9 3.62 -9.38 -4.32
N PRO A 10 2.75 -8.44 -4.74
CA PRO A 10 3.26 -7.26 -5.44
C PRO A 10 4.05 -6.35 -4.51
N ASP A 11 5.10 -5.75 -5.08
CA ASP A 11 6.09 -5.01 -4.28
C ASP A 11 5.47 -3.86 -3.50
N MSE A 12 4.33 -3.35 -3.92
CA MSE A 12 3.69 -2.23 -3.22
C MSE A 12 3.15 -2.65 -1.85
O MSE A 12 3.59 -2.13 -0.82
CB MSE A 12 2.56 -1.64 -4.06
CG MSE A 12 2.90 -0.32 -4.72
SE MSE A 12 3.20 1.13 -3.44
CE MSE A 12 1.61 0.89 -2.34
N GLU A 13 2.21 -3.60 -1.84
CA GLU A 13 1.59 -4.04 -0.61
C GLU A 13 2.37 -5.13 0.10
N GLU A 14 3.36 -5.75 -0.56
CA GLU A 14 4.28 -6.63 0.15
C GLU A 14 5.11 -5.84 1.15
N THR A 15 5.48 -4.61 0.80
CA THR A 15 6.21 -3.76 1.73
C THR A 15 5.33 -3.29 2.88
N VAL A 16 4.03 -3.13 2.64
CA VAL A 16 3.12 -2.74 3.72
C VAL A 16 2.95 -3.88 4.71
N ASN A 17 2.99 -5.14 4.23
CA ASN A 17 2.90 -6.27 5.14
C ASN A 17 4.08 -6.31 6.10
N LYS A 18 5.28 -6.01 5.60
CA LYS A 18 6.46 -5.97 6.47
C LYS A 18 6.35 -4.85 7.49
N ILE A 19 5.75 -3.72 7.11
CA ILE A 19 5.53 -2.64 8.07
C ILE A 19 4.56 -3.08 9.15
N LEU A 20 3.47 -3.74 8.77
CA LEU A 20 2.56 -4.32 9.75
C LEU A 20 3.23 -5.42 10.55
N ARG A 21 4.15 -6.16 9.93
CA ARG A 21 4.88 -7.19 10.66
C ARG A 21 5.81 -6.57 11.70
N ALA A 22 6.43 -5.44 11.37
CA ALA A 22 7.29 -4.76 12.33
C ALA A 22 6.49 -4.16 13.48
N GLN A 23 5.28 -3.69 13.21
CA GLN A 23 4.44 -3.15 14.27
C GLN A 23 4.06 -4.22 15.28
N GLU A 24 3.92 -5.47 14.82
CA GLU A 24 3.70 -6.57 15.76
C GLU A 24 4.88 -6.71 16.71
N THR A 25 6.11 -6.65 16.17
CA THR A 25 7.30 -6.72 17.01
C THR A 25 7.40 -5.52 17.93
N ARG A 26 6.94 -4.35 17.48
CA ARG A 26 6.98 -3.17 18.34
C ARG A 26 5.95 -3.26 19.46
N ALA A 27 4.74 -3.72 19.14
CA ALA A 27 3.70 -3.85 20.15
C ALA A 27 4.09 -4.86 21.22
N GLN A 28 4.63 -6.01 20.80
CA GLN A 28 5.09 -7.01 21.75
C GLN A 28 6.23 -6.49 22.61
N LEU A 29 7.07 -5.62 22.04
CA LEU A 29 8.23 -5.12 22.78
C LEU A 29 7.80 -4.18 23.90
N TYR A 30 6.77 -3.36 23.65
CA TYR A 30 6.25 -2.50 24.70
C TYR A 30 5.67 -3.32 25.85
N LYS A 31 5.07 -4.47 25.54
CA LYS A 31 4.55 -5.34 26.60
C LYS A 31 5.67 -5.81 27.51
N GLU A 32 6.83 -6.14 26.94
CA GLU A 32 7.99 -6.46 27.77
C GLU A 32 8.50 -5.22 28.48
N LEU A 33 8.43 -4.06 27.82
CA LEU A 33 8.81 -2.81 28.47
C LEU A 33 7.87 -2.48 29.61
N GLU A 34 6.57 -2.39 29.32
CA GLU A 34 5.59 -2.03 30.34
C GLU A 34 5.65 -2.95 31.55
N ASP A 35 5.82 -4.26 31.31
CA ASP A 35 5.94 -5.20 32.42
C ASP A 35 7.18 -4.92 33.26
N ALA A 36 8.22 -4.33 32.65
CA ALA A 36 9.42 -3.99 33.39
C ALA A 36 9.23 -2.74 34.24
N LEU A 37 8.50 -1.75 33.73
CA LEU A 37 8.20 -0.57 34.53
C LEU A 37 7.36 -0.95 35.75
N ASN A 38 6.35 -1.79 35.57
CA ASN A 38 5.52 -2.21 36.69
C ASN A 38 6.32 -3.03 37.69
N ALA A 39 7.31 -3.77 37.23
CA ALA A 39 8.14 -4.55 38.14
C ALA A 39 8.98 -3.65 39.04
N ASN A 40 9.40 -2.49 38.54
CA ASN A 40 10.14 -1.53 39.36
C ASN A 40 9.21 -0.69 40.23
N GLN A 41 8.01 -0.38 39.74
CA GLN A 41 7.05 0.37 40.55
C GLN A 41 6.63 -0.43 41.77
N GLU A 42 6.33 -1.72 41.58
CA GLU A 42 5.97 -2.60 42.67
C GLU A 42 7.16 -3.02 43.52
N LYS A 43 8.31 -2.39 43.32
CA LYS A 43 9.56 -2.62 44.06
C LYS A 43 10.06 -4.05 43.92
N LYS A 44 9.49 -4.83 42.99
CA LYS A 44 10.01 -6.17 42.72
C LYS A 44 11.32 -6.13 41.95
N ILE A 45 11.67 -4.97 41.38
CA ILE A 45 12.84 -4.85 40.53
C ILE A 45 13.57 -3.55 40.89
N GLY A 46 14.88 -3.65 41.11
CA GLY A 46 15.66 -2.48 41.41
C GLY A 46 15.80 -1.56 40.22
N LEU A 47 16.19 -0.31 40.50
CA LEU A 47 16.32 0.67 39.43
C LEU A 47 17.44 0.29 38.46
N GLU A 48 18.49 -0.37 38.98
CA GLU A 48 19.64 -0.71 38.14
C GLU A 48 19.24 -1.69 37.03
N GLN A 49 18.40 -2.68 37.36
CA GLN A 49 18.05 -3.71 36.38
C GLN A 49 17.12 -3.15 35.31
N MSE A 50 16.09 -2.40 35.72
CA MSE A 50 15.13 -1.82 34.80
C MSE A 50 15.83 -1.01 33.71
O MSE A 50 15.41 -1.03 32.54
CB MSE A 50 14.14 -0.93 35.56
CG MSE A 50 13.08 -0.29 34.67
SE MSE A 50 12.13 1.14 35.58
CE MSE A 50 12.92 2.66 34.65
N GLY A 51 16.89 -0.31 34.09
CA GLY A 51 17.64 0.47 33.12
C GLY A 51 18.27 -0.38 32.03
N ILE A 52 18.69 -1.60 32.37
CA ILE A 52 19.31 -2.45 31.35
C ILE A 52 18.25 -3.19 30.54
N ILE A 53 17.06 -3.41 31.10
CA ILE A 53 15.99 -4.03 30.33
C ILE A 53 15.47 -3.03 29.30
N VAL A 54 15.29 -1.77 29.71
CA VAL A 54 14.93 -0.73 28.74
C VAL A 54 16.03 -0.60 27.69
N GLN A 55 17.29 -0.81 28.08
CA GLN A 55 18.36 -0.83 27.10
C GLN A 55 18.18 -1.98 26.10
N LEU A 56 17.76 -3.14 26.60
CA LEU A 56 17.50 -4.27 25.72
C LEU A 56 16.24 -4.05 24.88
N VAL A 57 15.20 -3.46 25.49
CA VAL A 57 13.93 -3.32 24.79
C VAL A 57 14.02 -2.20 23.74
N THR A 58 14.60 -1.06 24.10
CA THR A 58 14.74 0.03 23.16
C THR A 58 15.65 -0.32 21.99
N GLU A 59 16.54 -1.30 22.15
CA GLU A 59 17.35 -1.75 21.03
C GLU A 59 16.48 -2.41 19.97
N GLY A 60 15.59 -3.32 20.39
CA GLY A 60 14.64 -3.89 19.44
C GLY A 60 13.71 -2.85 18.87
N LEU A 61 13.33 -1.86 19.67
CA LEU A 61 12.56 -0.73 19.16
C LEU A 61 13.36 0.04 18.11
N ASN A 62 14.67 0.17 18.33
CA ASN A 62 15.52 0.86 17.37
C ASN A 62 15.64 0.07 16.07
N GLU A 63 15.70 -1.26 16.17
CA GLU A 63 15.75 -2.08 14.96
C GLU A 63 14.46 -1.97 14.18
N VAL A 64 13.32 -2.05 14.86
CA VAL A 64 12.03 -1.92 14.19
C VAL A 64 11.88 -0.55 13.56
N SER A 65 12.33 0.50 14.25
CA SER A 65 12.24 1.85 13.72
C SER A 65 13.04 1.99 12.43
N SER A 66 14.25 1.41 12.39
CA SER A 66 15.08 1.49 11.19
C SER A 66 14.58 0.58 10.08
N ASP A 67 13.94 -0.54 10.43
CA ASP A 67 13.36 -1.41 9.41
C ASP A 67 12.23 -0.73 8.67
N ILE A 68 11.36 -0.01 9.41
CA ILE A 68 10.22 0.64 8.78
C ILE A 68 10.68 1.80 7.90
N ARG A 69 11.78 2.47 8.27
CA ARG A 69 12.31 3.52 7.42
C ARG A 69 12.77 2.99 6.08
N ASN A 70 13.34 1.78 6.06
CA ASN A 70 13.76 1.17 4.81
C ASN A 70 12.57 0.86 3.92
N TYR A 71 11.43 0.51 4.53
CA TYR A 71 10.23 0.16 3.79
C TYR A 71 9.49 1.37 3.24
N GLN A 72 9.96 2.59 3.52
CA GLN A 72 9.23 3.79 3.11
C GLN A 72 9.42 4.11 1.63
N ALA A 73 10.61 3.84 1.08
CA ALA A 73 10.94 4.33 -0.25
C ALA A 73 9.98 3.81 -1.31
N SER A 74 9.62 2.53 -1.24
CA SER A 74 8.74 1.93 -2.24
C SER A 74 7.29 2.34 -2.10
N LEU A 75 6.92 3.03 -1.02
CA LEU A 75 5.54 3.38 -0.76
C LEU A 75 5.15 4.67 -1.46
N THR A 76 3.84 4.90 -1.53
CA THR A 76 3.32 6.15 -2.10
C THR A 76 3.52 7.30 -1.12
N LYS A 77 3.47 8.52 -1.65
CA LYS A 77 3.69 9.69 -0.81
C LYS A 77 2.62 9.83 0.27
N GLU A 78 1.40 9.39 0.00
CA GLU A 78 0.38 9.38 1.04
C GLU A 78 0.66 8.32 2.08
N LEU A 79 1.25 7.20 1.68
CA LEU A 79 1.59 6.15 2.64
C LEU A 79 2.85 6.49 3.45
N LYS A 80 3.80 7.19 2.84
CA LYS A 80 5.00 7.60 3.57
C LYS A 80 4.66 8.62 4.66
N LEU A 81 3.64 9.45 4.43
CA LEU A 81 3.19 10.37 5.47
C LEU A 81 2.57 9.62 6.64
N LEU A 82 1.75 8.61 6.36
CA LEU A 82 1.15 7.81 7.43
C LEU A 82 2.22 7.11 8.26
N VAL A 83 3.30 6.66 7.62
CA VAL A 83 4.40 6.05 8.35
C VAL A 83 5.15 7.11 9.15
N ASP A 84 5.34 8.30 8.58
CA ASP A 84 6.03 9.38 9.27
C ASP A 84 5.32 9.73 10.57
N SER A 85 4.00 9.92 10.50
CA SER A 85 3.23 10.21 11.71
C SER A 85 3.22 9.02 12.66
N LEU A 86 3.28 7.79 12.11
CA LEU A 86 3.28 6.61 12.96
C LEU A 86 4.52 6.57 13.86
N GLN A 87 5.69 6.89 13.30
CA GLN A 87 6.91 6.86 14.09
C GLN A 87 6.99 8.01 15.08
N GLU A 88 6.35 9.15 14.76
CA GLU A 88 6.33 10.26 15.70
C GLU A 88 5.56 9.91 16.96
N LYS A 89 4.43 9.22 16.82
CA LYS A 89 3.68 8.78 17.99
C LYS A 89 4.46 7.74 18.79
N GLU A 90 5.07 6.77 18.09
CA GLU A 90 5.75 5.68 18.78
C GLU A 90 7.03 6.16 19.46
N ARG A 91 7.65 7.23 18.95
CA ARG A 91 8.78 7.82 19.65
C ARG A 91 8.33 8.52 20.93
N SER A 92 7.24 9.30 20.84
CA SER A 92 6.71 9.96 22.02
C SER A 92 6.07 8.97 22.98
N LYS A 93 5.51 7.88 22.47
CA LYS A 93 4.91 6.88 23.34
C LYS A 93 5.96 6.15 24.15
N LEU A 94 7.17 5.99 23.60
CA LEU A 94 8.26 5.36 24.35
C LEU A 94 8.69 6.22 25.53
N GLN A 95 8.94 7.51 25.28
CA GLN A 95 9.42 8.39 26.35
C GLN A 95 8.33 8.67 27.38
N ALA A 96 7.09 8.84 26.92
CA ALA A 96 5.99 9.07 27.85
C ALA A 96 5.69 7.85 28.72
N THR A 97 6.12 6.66 28.30
CA THR A 97 5.89 5.46 29.09
C THR A 97 6.92 5.32 30.19
N VAL A 98 8.20 5.50 29.87
CA VAL A 98 9.24 5.39 30.89
C VAL A 98 9.17 6.58 31.85
N LYS A 99 8.95 7.78 31.32
CA LYS A 99 8.82 8.95 32.18
C LYS A 99 7.65 8.81 33.14
N LEU A 100 6.59 8.10 32.74
CA LEU A 100 5.43 7.94 33.60
C LEU A 100 5.75 7.11 34.83
N GLU A 101 6.49 6.00 34.65
CA GLU A 101 6.79 5.13 35.78
C GLU A 101 7.63 5.85 36.84
N GLN A 102 8.64 6.62 36.40
CA GLN A 102 9.48 7.32 37.36
C GLN A 102 8.69 8.36 38.14
N LEU A 103 7.81 9.10 37.44
CA LEU A 103 7.00 10.11 38.12
C LEU A 103 6.03 9.47 39.11
N LYS A 104 5.59 8.24 38.85
CA LYS A 104 4.68 7.57 39.79
C LYS A 104 5.38 7.11 41.06
N VAL A 105 6.69 6.94 41.01
CA VAL A 105 7.46 6.48 42.18
C VAL A 105 7.85 7.65 43.07
N VAL A 106 8.29 8.76 42.48
CA VAL A 106 8.77 9.89 43.28
C VAL A 106 7.65 10.81 43.73
N SER A 107 6.47 10.71 43.14
CA SER A 107 5.40 11.66 43.45
C SER A 107 4.95 11.51 44.90
N THR A 108 4.86 12.64 45.60
CA THR A 108 4.32 12.70 46.95
C THR A 108 2.81 12.90 46.96
N ASN A 109 2.14 12.62 45.85
CA ASN A 109 0.69 12.69 45.70
C ASN A 109 0.14 14.10 45.89
N SER A 110 1.00 15.12 45.78
CA SER A 110 0.51 16.48 45.75
C SER A 110 -0.24 16.72 44.44
N PRO A 111 -1.29 17.55 44.47
CA PRO A 111 -2.10 17.75 43.25
C PRO A 111 -1.29 18.14 42.02
N VAL A 112 -0.25 18.97 42.19
CA VAL A 112 0.58 19.36 41.05
C VAL A 112 1.25 18.13 40.44
N GLU A 113 1.93 17.33 41.27
CA GLU A 113 2.54 16.11 40.77
C GLU A 113 1.50 15.06 40.39
N ASN A 114 0.33 15.10 41.04
CA ASN A 114 -0.67 14.07 40.81
C ASN A 114 -1.27 14.14 39.42
N THR A 115 -1.38 15.35 38.85
CA THR A 115 -1.96 15.51 37.53
C THR A 115 -0.94 15.36 36.40
N GLN A 116 0.35 15.29 36.71
CA GLN A 116 1.33 14.90 35.69
C GLN A 116 1.04 13.49 35.19
N ILE A 117 0.68 12.59 36.11
CA ILE A 117 0.38 11.21 35.73
C ILE A 117 -0.88 11.17 34.86
N SER A 118 -1.93 11.90 35.27
CA SER A 118 -3.17 11.87 34.51
C SER A 118 -2.99 12.47 33.12
N GLU A 119 -2.19 13.53 33.01
CA GLU A 119 -1.92 14.12 31.70
C GLU A 119 -1.11 13.17 30.82
N LEU A 120 -0.12 12.49 31.41
CA LEU A 120 0.67 11.54 30.63
C LEU A 120 -0.13 10.29 30.30
N GLU A 121 -0.96 9.82 31.24
CA GLU A 121 -1.82 8.67 30.96
C GLU A 121 -2.82 9.00 29.85
N ALA A 122 -3.41 10.20 29.90
CA ALA A 122 -4.29 10.62 28.82
C ALA A 122 -3.52 10.77 27.51
N ARG A 123 -2.28 11.25 27.60
CA ARG A 123 -1.42 11.30 26.41
C ARG A 123 -1.15 9.91 25.88
N LEU A 124 -0.81 8.96 26.77
CA LEU A 124 -0.57 7.58 26.33
C LEU A 124 -1.83 6.95 25.78
N SER A 125 -2.97 7.19 26.41
CA SER A 125 -4.23 6.63 25.93
C SER A 125 -4.60 7.19 24.57
N SER A 126 -4.41 8.50 24.36
CA SER A 126 -4.72 9.10 23.07
C SER A 126 -3.70 8.70 22.01
N LEU A 127 -2.42 8.62 22.39
CA LEU A 127 -1.40 8.22 21.43
C LEU A 127 -1.65 6.81 20.90
N SER A 128 -2.03 5.89 21.79
CA SER A 128 -2.34 4.53 21.36
C SER A 128 -3.57 4.50 20.46
N LYS A 129 -4.57 5.31 20.77
CA LYS A 129 -5.76 5.37 19.93
C LYS A 129 -5.45 5.98 18.56
N GLU A 130 -4.56 6.98 18.53
CA GLU A 130 -4.17 7.57 17.26
C GLU A 130 -3.36 6.59 16.41
N ILE A 131 -2.58 5.73 17.04
CA ILE A 131 -1.71 4.82 16.30
C ILE A 131 -2.54 3.78 15.55
N ASN A 132 -3.55 3.22 16.21
CA ASN A 132 -4.41 2.24 15.55
C ASN A 132 -5.16 2.84 14.37
N ASP A 133 -5.53 4.12 14.47
CA ASP A 133 -6.14 4.80 13.32
C ASP A 133 -5.14 4.97 12.19
N ILE A 134 -3.87 5.16 12.50
CA ILE A 134 -2.85 5.23 11.46
C ILE A 134 -2.67 3.87 10.80
N LEU A 135 -2.76 2.79 11.59
CA LEU A 135 -2.63 1.46 11.02
C LEU A 135 -3.83 1.10 10.15
N GLN A 136 -5.04 1.44 10.62
CA GLN A 136 -6.24 1.14 9.85
C GLN A 136 -6.28 1.93 8.54
N ASN A 137 -5.80 3.17 8.56
CA ASN A 137 -5.70 3.93 7.32
C ASN A 137 -4.68 3.29 6.39
N MSE A 138 -3.57 2.81 6.95
CA MSE A 138 -2.61 2.06 6.14
C MSE A 138 -3.20 0.75 5.64
O MSE A 138 -2.89 0.31 4.52
CB MSE A 138 -1.34 1.78 6.96
CG MSE A 138 -0.54 3.03 7.29
SE MSE A 138 1.00 2.73 8.38
CE MSE A 138 2.12 1.84 7.06
N LYS A 139 -4.07 0.13 6.43
CA LYS A 139 -4.75 -1.08 5.98
C LYS A 139 -5.73 -0.81 4.83
N ASP A 140 -6.39 0.35 4.87
CA ASP A 140 -7.30 0.75 3.79
C ASP A 140 -6.57 1.43 2.64
N GLU A 141 -5.24 1.43 2.66
CA GLU A 141 -4.42 2.05 1.61
C GLU A 141 -4.76 3.53 1.45
N ILE A 142 -4.75 4.26 2.57
CA ILE A 142 -5.04 5.69 2.56
C ILE A 142 -3.79 6.48 2.14
N ASP B 11 34.19 16.32 -7.40
CA ASP B 11 32.89 15.69 -7.54
C ASP B 11 32.59 14.77 -6.37
N MSE B 12 33.31 13.65 -6.30
CA MSE B 12 33.11 12.65 -5.27
C MSE B 12 34.25 12.71 -4.26
O MSE B 12 34.23 12.02 -3.24
CB MSE B 12 32.99 11.25 -5.88
CG MSE B 12 32.43 10.20 -4.96
SE MSE B 12 32.70 8.43 -5.73
CE MSE B 12 34.56 8.64 -6.26
N GLU B 13 35.25 13.54 -4.57
CA GLU B 13 36.37 13.73 -3.65
C GLU B 13 35.90 14.26 -2.30
N GLU B 14 34.76 14.96 -2.27
CA GLU B 14 34.21 15.42 -1.01
C GLU B 14 33.53 14.28 -0.27
N THR B 15 32.74 13.46 -0.97
CA THR B 15 32.02 12.37 -0.33
C THR B 15 32.98 11.42 0.38
N VAL B 16 34.12 11.13 -0.23
CA VAL B 16 35.14 10.33 0.44
C VAL B 16 35.72 11.09 1.62
N ASN B 17 35.99 12.39 1.44
CA ASN B 17 36.53 13.20 2.52
C ASN B 17 35.55 13.29 3.68
N LYS B 18 34.24 13.35 3.39
CA LYS B 18 33.25 13.35 4.46
C LYS B 18 33.28 12.05 5.25
N ILE B 19 33.65 10.95 4.60
CA ILE B 19 33.71 9.65 5.28
C ILE B 19 34.91 9.61 6.23
N LEU B 20 36.08 10.05 5.75
CA LEU B 20 37.25 10.10 6.61
C LEU B 20 37.03 11.03 7.80
N ARG B 21 36.51 12.23 7.53
CA ARG B 21 36.18 13.15 8.63
C ARG B 21 35.18 12.52 9.58
N ALA B 22 34.26 11.69 9.07
CA ALA B 22 33.39 10.92 9.95
C ALA B 22 34.19 9.83 10.67
N GLN B 23 35.10 9.17 9.95
CA GLN B 23 35.90 8.12 10.56
C GLN B 23 36.89 8.68 11.57
N GLU B 24 37.40 9.89 11.33
CA GLU B 24 38.30 10.51 12.30
C GLU B 24 37.60 10.74 13.63
N THR B 25 36.32 11.10 13.60
CA THR B 25 35.56 11.23 14.83
C THR B 25 35.41 9.88 15.53
N ARG B 26 35.25 8.81 14.75
CA ARG B 26 35.18 7.47 15.33
C ARG B 26 36.43 7.14 16.14
N ALA B 27 37.59 7.60 15.68
CA ALA B 27 38.83 7.34 16.40
C ALA B 27 38.82 8.01 17.77
N GLN B 28 38.44 9.30 17.81
CA GLN B 28 38.37 9.99 19.09
C GLN B 28 37.33 9.35 20.00
N LEU B 29 36.19 8.93 19.44
CA LEU B 29 35.13 8.33 20.24
C LEU B 29 35.59 7.06 20.92
N TYR B 30 36.39 6.25 20.22
CA TYR B 30 36.93 5.04 20.83
C TYR B 30 37.94 5.38 21.92
N LYS B 31 38.91 6.23 21.61
CA LYS B 31 39.88 6.65 22.61
C LYS B 31 39.20 7.37 23.77
N GLU B 32 38.06 8.02 23.52
CA GLU B 32 37.27 8.59 24.61
C GLU B 32 36.69 7.49 25.48
N LEU B 33 36.11 6.46 24.85
CA LEU B 33 35.60 5.31 25.62
C LEU B 33 36.72 4.62 26.38
N GLU B 34 37.80 4.27 25.67
CA GLU B 34 38.92 3.59 26.32
C GLU B 34 39.61 4.49 27.35
N ASP B 35 39.45 5.80 27.25
CA ASP B 35 39.98 6.69 28.28
C ASP B 35 39.22 6.52 29.59
N ALA B 36 37.90 6.72 29.54
CA ALA B 36 37.08 6.59 30.74
C ALA B 36 36.89 5.14 31.17
N LEU B 37 37.17 4.18 30.28
CA LEU B 37 36.94 2.78 30.61
C LEU B 37 37.97 2.29 31.63
N ASN B 38 39.25 2.65 31.43
CA ASN B 38 40.29 2.23 32.36
C ASN B 38 40.52 3.25 33.47
N ALA B 39 40.22 4.52 33.23
CA ALA B 39 40.40 5.53 34.27
C ALA B 39 39.41 5.33 35.41
N ASN B 40 38.24 4.77 35.12
CA ASN B 40 37.28 4.50 36.19
C ASN B 40 37.69 3.30 37.03
N GLN B 41 38.42 2.35 36.44
CA GLN B 41 39.02 1.27 37.22
C GLN B 41 40.28 1.70 37.95
N GLU B 42 40.81 2.88 37.63
CA GLU B 42 41.89 3.49 38.39
C GLU B 42 41.40 4.17 39.66
N LYS B 43 40.12 4.00 39.98
CA LYS B 43 39.49 4.47 41.22
C LYS B 43 39.41 5.99 41.30
N LYS B 44 39.47 6.69 40.18
CA LYS B 44 39.18 8.11 40.17
C LYS B 44 37.68 8.38 40.07
N ILE B 45 36.96 7.56 39.31
CA ILE B 45 35.53 7.72 39.10
C ILE B 45 34.85 6.40 39.41
N GLY B 46 33.60 6.49 39.90
CA GLY B 46 32.83 5.30 40.19
C GLY B 46 32.22 4.70 38.94
N LEU B 47 31.68 3.49 39.10
CA LEU B 47 31.08 2.78 37.98
C LEU B 47 29.78 3.43 37.53
N GLU B 48 29.07 4.10 38.45
CA GLU B 48 27.78 4.68 38.10
C GLU B 48 27.91 5.89 37.19
N GLN B 49 28.98 6.68 37.35
CA GLN B 49 29.20 7.82 36.46
C GLN B 49 29.78 7.41 35.11
N MSE B 50 30.37 6.21 35.03
CA MSE B 50 30.92 5.72 33.78
C MSE B 50 29.81 5.26 32.85
O MSE B 50 29.88 5.47 31.64
CB MSE B 50 31.89 4.57 34.04
CG MSE B 50 32.44 3.92 32.79
SE MSE B 50 33.74 2.53 33.18
CE MSE B 50 32.51 1.15 33.79
N GLY B 51 28.78 4.64 33.42
CA GLY B 51 27.68 4.13 32.64
C GLY B 51 26.96 5.18 31.83
N ILE B 52 27.03 6.44 32.26
CA ILE B 52 26.41 7.52 31.48
C ILE B 52 27.35 8.07 30.42
N ILE B 53 28.67 7.99 30.64
CA ILE B 53 29.60 8.41 29.60
C ILE B 53 29.63 7.39 28.48
N VAL B 54 29.47 6.11 28.81
CA VAL B 54 29.42 5.07 27.78
C VAL B 54 28.18 5.25 26.92
N GLN B 55 27.04 5.59 27.54
CA GLN B 55 25.82 5.83 26.77
C GLN B 55 26.01 6.97 25.77
N LEU B 56 26.81 7.97 26.12
CA LEU B 56 27.07 9.06 25.17
C LEU B 56 27.99 8.62 24.05
N VAL B 57 28.97 7.76 24.35
CA VAL B 57 29.93 7.32 23.34
C VAL B 57 29.29 6.32 22.39
N THR B 58 28.51 5.37 22.93
CA THR B 58 27.88 4.35 22.08
C THR B 58 26.91 4.99 21.10
N GLU B 59 26.13 5.98 21.55
CA GLU B 59 25.22 6.66 20.64
C GLU B 59 25.98 7.42 19.56
N GLY B 60 27.14 7.97 19.89
CA GLY B 60 27.97 8.61 18.88
C GLY B 60 28.45 7.62 17.84
N LEU B 61 28.91 6.45 18.28
CA LEU B 61 29.29 5.40 17.35
C LEU B 61 28.09 4.94 16.53
N ASN B 62 26.89 4.99 17.11
CA ASN B 62 25.68 4.64 16.35
C ASN B 62 25.43 5.66 15.24
N GLU B 63 25.70 6.94 15.51
CA GLU B 63 25.47 7.97 14.50
C GLU B 63 26.57 7.99 13.45
N VAL B 64 27.84 7.90 13.87
CA VAL B 64 28.95 7.94 12.93
C VAL B 64 28.87 6.80 11.94
N SER B 65 28.57 5.59 12.43
CA SER B 65 28.39 4.46 11.54
C SER B 65 27.21 4.66 10.61
N SER B 66 26.10 5.20 11.13
CA SER B 66 24.94 5.48 10.31
C SER B 66 25.20 6.61 9.32
N ASP B 67 26.02 7.58 9.71
CA ASP B 67 26.37 8.67 8.80
C ASP B 67 27.25 8.16 7.66
N ILE B 68 28.18 7.25 7.95
CA ILE B 68 29.09 6.75 6.92
C ILE B 68 28.32 5.93 5.88
N ARG B 69 27.37 5.10 6.33
CA ARG B 69 26.58 4.31 5.39
C ARG B 69 25.75 5.21 4.47
N ASN B 70 25.27 6.35 4.98
CA ASN B 70 24.59 7.30 4.11
C ASN B 70 25.57 7.96 3.14
N TYR B 71 26.79 8.25 3.61
CA TYR B 71 27.81 8.78 2.72
C TYR B 71 28.32 7.71 1.76
N GLN B 72 28.22 6.44 2.15
CA GLN B 72 28.76 5.35 1.33
C GLN B 72 27.92 5.11 0.09
N ALA B 73 26.60 5.31 0.17
CA ALA B 73 25.74 5.06 -0.98
C ALA B 73 26.14 5.89 -2.19
N SER B 74 26.65 7.10 -1.98
CA SER B 74 27.08 7.97 -3.07
C SER B 74 28.57 7.78 -3.35
N LEU B 75 28.93 6.55 -3.71
CA LEU B 75 30.31 6.20 -4.01
C LEU B 75 30.35 5.28 -5.22
N THR B 76 31.55 5.02 -5.71
CA THR B 76 31.73 4.02 -6.75
C THR B 76 31.63 2.62 -6.17
N LYS B 77 31.36 1.65 -7.04
CA LYS B 77 31.25 0.27 -6.60
C LYS B 77 32.56 -0.24 -6.02
N GLU B 78 33.69 0.26 -6.53
CA GLU B 78 34.99 -0.13 -5.98
C GLU B 78 35.20 0.50 -4.60
N LEU B 79 34.84 1.78 -4.46
CA LEU B 79 34.98 2.46 -3.18
C LEU B 79 33.88 2.08 -2.19
N LYS B 80 32.74 1.55 -2.68
CA LYS B 80 31.69 1.11 -1.78
C LYS B 80 32.12 -0.13 -1.00
N LEU B 81 32.76 -1.08 -1.68
CA LEU B 81 33.26 -2.27 -0.99
C LEU B 81 34.42 -1.93 -0.06
N LEU B 82 35.15 -0.84 -0.35
CA LEU B 82 36.20 -0.40 0.56
C LEU B 82 35.62 0.05 1.90
N VAL B 83 34.41 0.62 1.89
CA VAL B 83 33.76 1.01 3.13
C VAL B 83 33.19 -0.21 3.83
N ASP B 84 32.66 -1.16 3.07
CA ASP B 84 32.16 -2.40 3.66
C ASP B 84 33.26 -3.14 4.40
N SER B 85 34.49 -3.14 3.85
CA SER B 85 35.61 -3.73 4.56
C SER B 85 35.98 -2.91 5.79
N LEU B 86 35.87 -1.58 5.69
CA LEU B 86 36.12 -0.74 6.85
C LEU B 86 35.04 -0.90 7.90
N GLN B 87 33.78 -0.93 7.49
CA GLN B 87 32.68 -1.10 8.44
C GLN B 87 32.69 -2.49 9.08
N GLU B 88 33.12 -3.50 8.34
CA GLU B 88 33.16 -4.86 8.88
C GLU B 88 34.22 -4.98 9.97
N LYS B 89 35.43 -4.46 9.70
CA LYS B 89 36.50 -4.56 10.69
C LYS B 89 36.23 -3.68 11.90
N GLU B 90 35.54 -2.55 11.70
CA GLU B 90 35.12 -1.74 12.85
C GLU B 90 34.10 -2.45 13.71
N ARG B 91 33.35 -3.41 13.15
CA ARG B 91 32.47 -4.23 13.97
C ARG B 91 33.26 -5.22 14.81
N SER B 92 34.32 -5.80 14.22
CA SER B 92 35.17 -6.72 14.98
C SER B 92 35.96 -5.99 16.05
N LYS B 93 36.31 -4.73 15.82
CA LYS B 93 36.99 -3.95 16.85
C LYS B 93 36.05 -3.64 18.01
N LEU B 94 34.79 -3.32 17.71
CA LEU B 94 33.80 -3.19 18.77
C LEU B 94 33.54 -4.53 19.44
N GLN B 95 33.47 -5.61 18.66
CA GLN B 95 33.25 -6.94 19.21
C GLN B 95 34.32 -7.29 20.23
N ALA B 96 35.60 -7.13 19.87
CA ALA B 96 36.69 -7.50 20.76
C ALA B 96 36.81 -6.57 21.96
N THR B 97 36.30 -5.34 21.87
CA THR B 97 36.35 -4.43 23.01
C THR B 97 35.40 -4.88 24.11
N VAL B 98 34.22 -5.39 23.73
CA VAL B 98 33.25 -5.84 24.72
C VAL B 98 33.78 -7.06 25.48
N LYS B 99 34.46 -7.97 24.78
CA LYS B 99 35.01 -9.14 25.44
C LYS B 99 36.19 -8.77 26.34
N LEU B 100 37.01 -7.81 25.90
CA LEU B 100 38.16 -7.40 26.69
C LEU B 100 37.72 -6.77 28.01
N GLU B 101 36.76 -5.85 27.95
CA GLU B 101 36.22 -5.28 29.18
C GLU B 101 35.53 -6.33 30.03
N GLN B 102 34.80 -7.26 29.39
CA GLN B 102 34.20 -8.36 30.11
C GLN B 102 35.26 -9.22 30.78
N LEU B 103 36.39 -9.45 30.10
CA LEU B 103 37.45 -10.26 30.67
C LEU B 103 38.26 -9.47 31.70
N LYS B 104 38.43 -8.18 31.48
CA LYS B 104 39.16 -7.35 32.45
C LYS B 104 38.39 -7.26 33.77
N VAL B 105 37.07 -7.14 33.70
CA VAL B 105 36.27 -6.99 34.91
C VAL B 105 36.32 -8.25 35.75
N VAL B 106 36.12 -9.41 35.12
CA VAL B 106 36.18 -10.69 35.82
C VAL B 106 37.63 -11.12 35.88
N SER B 107 38.36 -10.65 36.89
CA SER B 107 39.80 -10.87 37.01
C SER B 107 40.04 -11.91 38.09
N THR B 108 40.06 -13.18 37.69
CA THR B 108 40.42 -14.27 38.58
C THR B 108 41.92 -14.57 38.56
N ASN B 109 42.69 -13.85 37.74
CA ASN B 109 44.14 -13.98 37.68
C ASN B 109 44.56 -15.42 37.31
N SER B 110 43.90 -15.98 36.30
CA SER B 110 44.27 -17.27 35.77
C SER B 110 44.88 -17.11 34.39
N PRO B 111 46.01 -17.76 34.11
CA PRO B 111 46.65 -17.60 32.78
C PRO B 111 45.75 -17.97 31.62
N VAL B 112 44.73 -18.80 31.84
CA VAL B 112 43.76 -19.08 30.79
C VAL B 112 43.04 -17.80 30.40
N GLU B 113 42.65 -16.99 31.39
CA GLU B 113 42.03 -15.70 31.13
C GLU B 113 43.04 -14.65 30.70
N ASN B 114 44.29 -14.75 31.19
CA ASN B 114 45.30 -13.77 30.82
C ASN B 114 45.79 -13.96 29.40
N THR B 115 45.97 -15.21 28.96
CA THR B 115 46.29 -15.47 27.56
C THR B 115 45.12 -15.12 26.66
N GLN B 116 43.89 -15.35 27.13
CA GLN B 116 42.71 -14.91 26.38
C GLN B 116 42.68 -13.40 26.26
N ILE B 117 43.12 -12.69 27.31
CA ILE B 117 43.19 -11.23 27.26
C ILE B 117 44.25 -10.79 26.25
N SER B 118 45.40 -11.46 26.23
CA SER B 118 46.45 -11.11 25.29
C SER B 118 46.02 -11.37 23.85
N GLU B 119 45.09 -12.31 23.64
CA GLU B 119 44.55 -12.53 22.30
C GLU B 119 43.80 -11.30 21.81
N LEU B 120 42.95 -10.73 22.66
CA LEU B 120 42.12 -9.61 22.26
C LEU B 120 42.90 -8.31 22.14
N GLU B 121 43.93 -8.13 22.97
CA GLU B 121 44.76 -6.93 22.86
C GLU B 121 45.54 -6.92 21.55
N ALA B 122 46.05 -8.10 21.14
CA ALA B 122 46.71 -8.18 19.85
C ALA B 122 45.71 -8.09 18.70
N ARG B 123 44.46 -8.47 18.95
CA ARG B 123 43.43 -8.35 17.92
C ARG B 123 43.06 -6.89 17.70
N LEU B 124 42.92 -6.11 18.78
CA LEU B 124 42.61 -4.69 18.64
C LEU B 124 43.71 -3.95 17.89
N SER B 125 44.97 -4.28 18.19
CA SER B 125 46.07 -3.62 17.50
C SER B 125 46.14 -4.05 16.04
N SER B 126 45.89 -5.33 15.76
CA SER B 126 45.92 -5.81 14.37
C SER B 126 44.77 -5.23 13.56
N LEU B 127 43.62 -4.98 14.18
CA LEU B 127 42.52 -4.36 13.47
C LEU B 127 42.79 -2.88 13.23
N SER B 128 43.49 -2.21 14.14
CA SER B 128 43.93 -0.85 13.87
C SER B 128 44.91 -0.82 12.71
N LYS B 129 45.69 -1.88 12.54
CA LYS B 129 46.56 -1.98 11.37
C LYS B 129 45.75 -2.08 10.09
N GLU B 130 44.71 -2.92 10.09
CA GLU B 130 43.89 -3.10 8.91
C GLU B 130 43.09 -1.84 8.57
N ILE B 131 42.52 -1.20 9.59
CA ILE B 131 41.67 -0.02 9.35
C ILE B 131 42.46 1.09 8.67
N ASN B 132 43.68 1.33 9.13
CA ASN B 132 44.52 2.35 8.49
C ASN B 132 44.86 1.97 7.06
N ASP B 133 45.04 0.67 6.79
CA ASP B 133 45.26 0.23 5.41
C ASP B 133 44.03 0.48 4.56
N ILE B 134 42.84 0.22 5.11
CA ILE B 134 41.61 0.51 4.39
C ILE B 134 41.41 2.02 4.25
N LEU B 135 41.80 2.79 5.27
CA LEU B 135 41.66 4.23 5.21
C LEU B 135 42.62 4.83 4.18
N GLN B 136 43.84 4.30 4.11
CA GLN B 136 44.81 4.83 3.14
C GLN B 136 44.41 4.49 1.71
N ASN B 137 43.78 3.33 1.50
CA ASN B 137 43.35 2.97 0.15
C ASN B 137 42.33 3.91 -0.47
N MSE B 138 41.51 4.56 0.36
CA MSE B 138 40.59 5.56 -0.16
C MSE B 138 41.26 6.92 -0.40
O MSE B 138 40.83 7.71 -1.24
CB MSE B 138 39.46 5.81 0.85
CG MSE B 138 38.53 4.62 1.02
SE MSE B 138 37.07 4.93 2.21
CE MSE B 138 38.04 4.80 3.90
N LYS B 139 42.35 7.19 0.34
CA LYS B 139 43.17 8.37 0.06
C LYS B 139 44.02 8.09 -1.16
N ASP B 140 44.50 6.85 -1.32
CA ASP B 140 45.20 6.44 -2.52
C ASP B 140 44.26 6.22 -3.70
N GLU B 141 42.94 6.34 -3.48
CA GLU B 141 41.93 6.18 -4.52
C GLU B 141 41.99 4.79 -5.15
N ILE B 142 42.38 3.78 -4.36
CA ILE B 142 42.45 2.41 -4.84
C ILE B 142 41.06 1.85 -5.04
N ASP C 11 31.61 -11.45 -5.58
CA ASP C 11 30.28 -10.89 -5.79
C ASP C 11 29.24 -11.57 -4.91
N MSE C 12 28.49 -12.49 -5.50
CA MSE C 12 27.41 -13.18 -4.81
C MSE C 12 27.93 -14.04 -3.66
O MSE C 12 27.30 -14.14 -2.60
CB MSE C 12 26.62 -14.05 -5.79
CG MSE C 12 25.37 -14.70 -5.19
SE MSE C 12 24.01 -13.38 -4.74
CE MSE C 12 23.76 -12.59 -6.51
N GLU C 13 29.09 -14.66 -3.87
CA GLU C 13 29.67 -15.52 -2.84
C GLU C 13 30.16 -14.69 -1.65
N GLU C 14 30.78 -13.53 -1.92
CA GLU C 14 31.31 -12.71 -0.84
C GLU C 14 30.20 -12.00 -0.06
N THR C 15 29.12 -11.61 -0.75
CA THR C 15 28.04 -10.91 -0.07
C THR C 15 27.39 -11.79 1.00
N VAL C 16 27.29 -13.09 0.75
CA VAL C 16 26.76 -13.99 1.75
C VAL C 16 27.76 -14.14 2.90
N ASN C 17 29.06 -14.13 2.58
CA ASN C 17 30.08 -14.22 3.62
C ASN C 17 30.04 -13.00 4.55
N LYS C 18 29.76 -11.82 3.99
CA LYS C 18 29.67 -10.63 4.83
C LYS C 18 28.49 -10.70 5.79
N ILE C 19 27.40 -11.36 5.37
CA ILE C 19 26.25 -11.52 6.27
C ILE C 19 26.56 -12.57 7.33
N LEU C 20 27.25 -13.64 6.95
CA LEU C 20 27.64 -14.65 7.93
C LEU C 20 28.63 -14.09 8.95
N ARG C 21 29.55 -13.23 8.50
CA ARG C 21 30.50 -12.62 9.41
C ARG C 21 29.78 -11.72 10.42
N ALA C 22 28.88 -10.86 9.95
CA ALA C 22 28.10 -10.02 10.86
C ALA C 22 27.23 -10.88 11.77
N GLN C 23 26.61 -11.93 11.22
CA GLN C 23 25.79 -12.81 12.03
C GLN C 23 26.62 -13.45 13.14
N GLU C 24 27.82 -13.93 12.80
CA GLU C 24 28.70 -14.51 13.82
C GLU C 24 29.09 -13.47 14.85
N THR C 25 29.25 -12.21 14.44
CA THR C 25 29.50 -11.15 15.41
C THR C 25 28.31 -10.96 16.33
N ARG C 26 27.08 -11.09 15.79
CA ARG C 26 25.91 -11.05 16.65
C ARG C 26 25.84 -12.29 17.55
N ALA C 27 26.27 -13.44 17.03
CA ALA C 27 26.25 -14.65 17.84
C ALA C 27 27.25 -14.57 18.99
N GLN C 28 28.39 -13.90 18.78
CA GLN C 28 29.36 -13.74 19.85
C GLN C 28 28.95 -12.68 20.85
N LEU C 29 28.24 -11.63 20.40
CA LEU C 29 27.73 -10.64 21.33
C LEU C 29 26.69 -11.23 22.26
N TYR C 30 25.81 -12.08 21.73
CA TYR C 30 24.84 -12.75 22.60
C TYR C 30 25.53 -13.68 23.59
N LYS C 31 26.66 -14.28 23.21
CA LYS C 31 27.42 -15.07 24.16
C LYS C 31 27.94 -14.21 25.29
N GLU C 32 28.44 -13.02 24.99
CA GLU C 32 28.89 -12.11 26.03
C GLU C 32 27.72 -11.63 26.88
N LEU C 33 26.56 -11.40 26.26
CA LEU C 33 25.38 -10.98 27.01
C LEU C 33 24.90 -12.09 27.93
N GLU C 34 24.88 -13.34 27.44
CA GLU C 34 24.46 -14.46 28.28
C GLU C 34 25.49 -14.74 29.37
N ASP C 35 26.78 -14.55 29.08
CA ASP C 35 27.81 -14.76 30.10
C ASP C 35 27.77 -13.68 31.16
N ALA C 36 27.45 -12.44 30.79
CA ALA C 36 27.36 -11.36 31.75
C ALA C 36 26.10 -11.47 32.61
N LEU C 37 24.98 -11.89 32.00
CA LEU C 37 23.75 -12.04 32.76
C LEU C 37 23.83 -13.19 33.74
N ASN C 38 24.56 -14.26 33.41
CA ASN C 38 24.79 -15.35 34.34
C ASN C 38 25.80 -15.00 35.42
N ALA C 39 26.58 -13.93 35.24
CA ALA C 39 27.57 -13.56 36.24
C ALA C 39 26.93 -13.02 37.52
N ASN C 40 25.66 -12.63 37.46
CA ASN C 40 24.98 -12.21 38.68
C ASN C 40 24.40 -13.38 39.46
N GLN C 41 24.13 -14.50 38.79
CA GLN C 41 23.75 -15.72 39.50
C GLN C 41 24.84 -16.12 40.48
N GLU C 42 26.10 -15.95 40.10
CA GLU C 42 27.24 -16.16 40.98
C GLU C 42 27.66 -14.89 41.71
N LYS C 43 27.03 -13.76 41.40
CA LYS C 43 27.32 -12.47 42.02
C LYS C 43 28.80 -12.11 41.88
N LYS C 44 29.25 -12.03 40.63
CA LYS C 44 30.62 -11.66 40.32
C LYS C 44 30.76 -10.30 39.67
N ILE C 45 29.71 -9.81 39.00
CA ILE C 45 29.78 -8.54 38.29
C ILE C 45 28.78 -7.52 38.79
N GLY C 46 27.72 -7.93 39.50
CA GLY C 46 26.74 -6.98 39.98
C GLY C 46 25.93 -6.35 38.85
N LEU C 47 25.22 -5.28 39.21
CA LEU C 47 24.41 -4.53 38.26
C LEU C 47 25.13 -3.32 37.68
N GLU C 48 26.14 -2.79 38.39
CA GLU C 48 26.83 -1.61 37.91
C GLU C 48 27.65 -1.90 36.66
N GLN C 49 28.51 -2.92 36.73
CA GLN C 49 29.50 -3.15 35.67
C GLN C 49 28.88 -3.79 34.44
N MSE C 50 27.98 -4.75 34.61
CA MSE C 50 27.38 -5.42 33.46
C MSE C 50 26.35 -4.50 32.81
O MSE C 50 25.92 -4.75 31.68
CB MSE C 50 26.73 -6.74 33.86
CG MSE C 50 25.25 -6.67 34.14
SE MSE C 50 24.42 -8.42 33.85
CE MSE C 50 22.65 -8.07 34.57
N GLY C 51 25.97 -3.44 33.52
CA GLY C 51 25.11 -2.44 32.93
C GLY C 51 25.69 -1.79 31.69
N ILE C 52 27.01 -1.65 31.65
CA ILE C 52 27.67 -1.13 30.45
C ILE C 52 27.97 -2.24 29.46
N ILE C 53 28.11 -3.49 29.92
CA ILE C 53 28.24 -4.61 28.99
C ILE C 53 26.97 -4.74 28.16
N VAL C 54 25.81 -4.53 28.78
CA VAL C 54 24.55 -4.53 28.05
C VAL C 54 24.56 -3.42 27.00
N GLN C 55 25.03 -2.23 27.37
CA GLN C 55 25.03 -1.11 26.44
C GLN C 55 25.96 -1.37 25.26
N LEU C 56 27.14 -1.94 25.53
CA LEU C 56 28.06 -2.26 24.44
C LEU C 56 27.51 -3.35 23.53
N VAL C 57 26.89 -4.38 24.12
CA VAL C 57 26.30 -5.46 23.33
C VAL C 57 25.16 -4.91 22.46
N THR C 58 24.25 -4.15 23.07
CA THR C 58 23.11 -3.60 22.34
C THR C 58 23.57 -2.73 21.18
N GLU C 59 24.53 -1.83 21.44
CA GLU C 59 25.03 -0.98 20.37
C GLU C 59 25.72 -1.80 19.29
N GLY C 60 26.34 -2.91 19.65
CA GLY C 60 26.91 -3.79 18.65
C GLY C 60 25.85 -4.50 17.83
N LEU C 61 24.74 -4.89 18.49
CA LEU C 61 23.64 -5.52 17.76
C LEU C 61 23.03 -4.55 16.75
N ASN C 62 23.05 -3.25 17.04
CA ASN C 62 22.51 -2.27 16.12
C ASN C 62 23.28 -2.26 14.81
N GLU C 63 24.62 -2.19 14.89
CA GLU C 63 25.42 -2.13 13.68
C GLU C 63 25.43 -3.45 12.93
N VAL C 64 25.19 -4.57 13.60
CA VAL C 64 25.15 -5.86 12.92
C VAL C 64 23.89 -5.98 12.08
N SER C 65 22.72 -5.75 12.69
CA SER C 65 21.47 -5.85 11.96
C SER C 65 21.36 -4.79 10.89
N SER C 66 21.80 -3.57 11.19
CA SER C 66 21.73 -2.49 10.20
C SER C 66 22.57 -2.80 8.98
N ASP C 67 23.75 -3.40 9.18
CA ASP C 67 24.60 -3.79 8.06
C ASP C 67 24.07 -5.03 7.35
N ILE C 68 23.38 -5.91 8.07
CA ILE C 68 22.79 -7.09 7.44
C ILE C 68 21.63 -6.68 6.53
N ARG C 69 20.79 -5.75 7.00
CA ARG C 69 19.71 -5.24 6.15
C ARG C 69 20.25 -4.49 4.94
N ASN C 70 21.49 -3.99 5.01
CA ASN C 70 22.10 -3.31 3.86
C ASN C 70 22.67 -4.31 2.87
N TYR C 71 23.37 -5.34 3.35
CA TYR C 71 23.93 -6.36 2.48
C TYR C 71 22.86 -7.11 1.71
N GLN C 72 21.61 -7.09 2.19
CA GLN C 72 20.58 -7.97 1.67
C GLN C 72 20.15 -7.58 0.26
N ALA C 73 20.14 -6.29 -0.05
CA ALA C 73 19.64 -5.84 -1.36
C ALA C 73 20.46 -6.37 -2.52
N SER C 74 21.65 -6.92 -2.26
CA SER C 74 22.52 -7.46 -3.31
C SER C 74 22.44 -8.98 -3.41
N LEU C 75 21.33 -9.56 -2.99
CA LEU C 75 21.16 -11.01 -2.98
C LEU C 75 19.99 -11.42 -3.86
N THR C 76 19.99 -12.70 -4.24
CA THR C 76 18.91 -13.24 -5.04
C THR C 76 17.64 -13.38 -4.20
N LYS C 77 16.53 -13.68 -4.87
CA LYS C 77 15.25 -13.78 -4.19
C LYS C 77 15.26 -14.88 -3.13
N GLU C 78 15.94 -15.99 -3.41
CA GLU C 78 16.05 -17.06 -2.42
C GLU C 78 16.92 -16.66 -1.25
N LEU C 79 17.96 -15.85 -1.49
CA LEU C 79 18.81 -15.40 -0.41
C LEU C 79 18.18 -14.27 0.38
N LYS C 80 17.46 -13.37 -0.30
CA LYS C 80 16.74 -12.30 0.40
C LYS C 80 15.72 -12.88 1.37
N LEU C 81 14.97 -13.89 0.94
CA LEU C 81 13.98 -14.50 1.83
C LEU C 81 14.63 -15.16 3.04
N LEU C 82 15.86 -15.65 2.89
CA LEU C 82 16.55 -16.27 4.00
C LEU C 82 17.06 -15.23 5.00
N VAL C 83 17.35 -14.02 4.54
CA VAL C 83 17.80 -12.98 5.45
C VAL C 83 16.61 -12.37 6.19
N ASP C 84 15.50 -12.11 5.49
CA ASP C 84 14.29 -11.65 6.17
C ASP C 84 13.76 -12.69 7.14
N SER C 85 13.96 -13.97 6.86
CA SER C 85 13.61 -15.01 7.83
C SER C 85 14.64 -15.12 8.93
N LEU C 86 15.89 -14.72 8.67
CA LEU C 86 16.90 -14.72 9.71
C LEU C 86 16.62 -13.65 10.75
N GLN C 87 16.26 -12.44 10.31
CA GLN C 87 16.04 -11.34 11.24
C GLN C 87 14.82 -11.60 12.13
N GLU C 88 13.76 -12.18 11.57
CA GLU C 88 12.57 -12.49 12.37
C GLU C 88 12.91 -13.42 13.52
N LYS C 89 13.86 -14.34 13.33
CA LYS C 89 14.30 -15.18 14.43
C LYS C 89 15.06 -14.37 15.46
N GLU C 90 15.97 -13.50 15.02
CA GLU C 90 16.72 -12.68 15.96
C GLU C 90 15.83 -11.66 16.66
N ARG C 91 14.77 -11.20 16.00
CA ARG C 91 13.76 -10.39 16.70
C ARG C 91 13.16 -11.18 17.85
N SER C 92 12.75 -12.42 17.58
CA SER C 92 12.22 -13.28 18.63
C SER C 92 13.29 -13.64 19.65
N LYS C 93 14.55 -13.73 19.22
CA LYS C 93 15.62 -14.08 20.15
C LYS C 93 15.87 -12.95 21.15
N LEU C 94 15.70 -11.69 20.71
CA LEU C 94 15.86 -10.58 21.64
C LEU C 94 14.68 -10.49 22.60
N GLN C 95 13.47 -10.77 22.11
CA GLN C 95 12.30 -10.76 22.99
C GLN C 95 12.41 -11.84 24.06
N ALA C 96 12.75 -13.07 23.66
CA ALA C 96 12.87 -14.16 24.62
C ALA C 96 14.03 -13.92 25.59
N THR C 97 15.12 -13.31 25.13
CA THR C 97 16.21 -12.97 26.03
C THR C 97 15.76 -11.96 27.07
N VAL C 98 14.99 -10.96 26.66
CA VAL C 98 14.40 -10.02 27.61
C VAL C 98 13.38 -10.74 28.49
N LYS C 99 12.51 -11.54 27.88
CA LYS C 99 11.47 -12.23 28.63
C LYS C 99 12.07 -13.21 29.63
N LEU C 100 13.25 -13.76 29.33
CA LEU C 100 13.94 -14.60 30.31
C LEU C 100 14.46 -13.75 31.47
N GLU C 101 15.19 -12.68 31.16
CA GLU C 101 15.80 -11.86 32.19
C GLU C 101 14.77 -11.29 33.16
N GLN C 102 13.65 -10.79 32.65
CA GLN C 102 12.61 -10.26 33.52
C GLN C 102 12.05 -11.35 34.42
N LEU C 103 11.90 -12.57 33.90
CA LEU C 103 11.37 -13.64 34.73
C LEU C 103 12.47 -14.30 35.57
N LYS C 104 13.71 -14.34 35.05
CA LYS C 104 14.82 -14.92 35.78
C LYS C 104 15.12 -14.19 37.07
N VAL C 105 14.83 -12.89 37.13
CA VAL C 105 15.32 -12.06 38.23
C VAL C 105 14.23 -11.72 39.25
N VAL C 106 12.95 -11.90 38.92
CA VAL C 106 11.94 -11.94 39.99
C VAL C 106 12.30 -13.05 40.96
N SER C 107 12.76 -14.19 40.45
CA SER C 107 13.58 -15.15 41.18
C SER C 107 12.84 -15.79 42.35
N THR C 108 11.52 -15.86 42.30
CA THR C 108 10.79 -16.66 43.27
C THR C 108 10.97 -18.13 42.91
N ASN C 109 11.73 -18.86 43.73
CA ASN C 109 12.14 -20.22 43.40
C ASN C 109 11.00 -21.22 43.38
N SER C 110 9.76 -20.77 43.58
CA SER C 110 8.63 -21.68 43.52
C SER C 110 8.48 -22.24 42.11
N PRO C 111 7.86 -23.43 41.97
CA PRO C 111 7.64 -23.98 40.62
C PRO C 111 6.68 -23.16 39.77
N VAL C 112 6.06 -22.12 40.33
CA VAL C 112 5.19 -21.26 39.52
C VAL C 112 5.99 -20.55 38.44
N GLU C 113 7.15 -20.01 38.80
CA GLU C 113 8.02 -19.31 37.87
C GLU C 113 9.22 -20.13 37.42
N ASN C 114 9.46 -21.29 38.02
CA ASN C 114 10.64 -22.06 37.68
C ASN C 114 10.48 -22.82 36.37
N THR C 115 9.30 -23.37 36.11
CA THR C 115 9.08 -24.08 34.85
C THR C 115 9.10 -23.12 33.66
N GLN C 116 8.78 -21.84 33.89
CA GLN C 116 8.86 -20.86 32.81
C GLN C 116 10.30 -20.55 32.45
N ILE C 117 11.24 -20.71 33.40
CA ILE C 117 12.66 -20.57 33.08
C ILE C 117 13.07 -21.64 32.07
N SER C 118 12.78 -22.89 32.38
CA SER C 118 13.20 -23.98 31.50
C SER C 118 12.55 -23.88 30.14
N GLU C 119 11.35 -23.30 30.06
CA GLU C 119 10.68 -23.13 28.77
C GLU C 119 11.34 -22.05 27.95
N LEU C 120 11.69 -20.92 28.57
CA LEU C 120 12.37 -19.85 27.84
C LEU C 120 13.80 -20.25 27.48
N GLU C 121 14.47 -20.98 28.36
CA GLU C 121 15.81 -21.46 28.04
C GLU C 121 15.77 -22.49 26.93
N ALA C 122 14.74 -23.34 26.91
CA ALA C 122 14.58 -24.29 25.82
C ALA C 122 14.16 -23.58 24.54
N ARG C 123 13.33 -22.55 24.65
CA ARG C 123 12.95 -21.77 23.48
C ARG C 123 14.14 -21.02 22.90
N LEU C 124 14.97 -20.44 23.77
CA LEU C 124 16.17 -19.75 23.30
C LEU C 124 17.12 -20.71 22.60
N SER C 125 17.26 -21.93 23.13
CA SER C 125 18.08 -22.92 22.46
C SER C 125 17.45 -23.39 21.16
N SER C 126 16.13 -23.62 21.16
CA SER C 126 15.46 -24.02 19.94
C SER C 126 15.50 -22.92 18.88
N LEU C 127 15.47 -21.65 19.30
CA LEU C 127 15.59 -20.57 18.34
C LEU C 127 16.96 -20.57 17.68
N SER C 128 18.01 -20.83 18.46
CA SER C 128 19.36 -20.87 17.91
C SER C 128 19.52 -21.98 16.87
N LYS C 129 18.84 -23.11 17.08
CA LYS C 129 18.85 -24.17 16.07
C LYS C 129 18.14 -23.74 14.81
N GLU C 130 17.00 -23.05 14.95
CA GLU C 130 16.29 -22.53 13.78
C GLU C 130 17.10 -21.47 13.06
N ILE C 131 17.88 -20.67 13.80
CA ILE C 131 18.78 -19.71 13.16
C ILE C 131 19.91 -20.44 12.45
N ASN C 132 20.41 -21.51 13.05
CA ASN C 132 21.51 -22.25 12.45
C ASN C 132 21.10 -22.94 11.16
N ASP C 133 19.86 -23.41 11.07
CA ASP C 133 19.38 -24.02 9.84
C ASP C 133 19.25 -22.99 8.72
N ILE C 134 18.76 -21.79 9.06
CA ILE C 134 18.65 -20.72 8.07
C ILE C 134 20.03 -20.31 7.58
N LEU C 135 21.02 -20.32 8.48
CA LEU C 135 22.37 -19.92 8.09
C LEU C 135 23.00 -20.90 7.13
N GLN C 136 22.77 -22.20 7.33
CA GLN C 136 23.34 -23.19 6.43
C GLN C 136 22.61 -23.23 5.10
N ASN C 137 21.30 -22.95 5.10
CA ASN C 137 20.58 -22.84 3.84
C ASN C 137 21.10 -21.65 3.05
N MSE C 138 21.51 -20.59 3.74
CA MSE C 138 22.26 -19.52 3.07
C MSE C 138 23.57 -20.06 2.53
O MSE C 138 23.98 -19.72 1.41
CB MSE C 138 22.52 -18.38 4.06
CG MSE C 138 21.27 -17.64 4.48
SE MSE C 138 21.55 -16.26 5.78
CE MSE C 138 22.46 -14.97 4.63
N LYS C 139 24.25 -20.92 3.30
CA LYS C 139 25.53 -21.48 2.88
C LYS C 139 25.40 -22.51 1.77
N ASP C 140 24.25 -23.18 1.68
CA ASP C 140 23.97 -24.11 0.59
C ASP C 140 23.49 -23.41 -0.67
N GLU C 141 23.54 -22.07 -0.70
CA GLU C 141 23.10 -21.27 -1.85
C GLU C 141 21.64 -21.55 -2.20
N MSE D 12 9.25 21.54 -2.35
CA MSE D 12 9.85 20.80 -1.24
C MSE D 12 9.70 21.55 0.08
O MSE D 12 10.39 21.24 1.05
CB MSE D 12 11.32 20.52 -1.51
CG MSE D 12 11.56 19.53 -2.64
SE MSE D 12 13.44 19.03 -2.76
CE MSE D 12 14.23 20.67 -2.07
N GLU D 13 8.81 22.55 0.10
CA GLU D 13 8.59 23.31 1.32
C GLU D 13 8.07 22.43 2.45
N GLU D 14 7.35 21.36 2.11
CA GLU D 14 6.86 20.44 3.14
C GLU D 14 7.99 19.57 3.69
N THR D 15 8.97 19.22 2.85
CA THR D 15 10.06 18.37 3.30
C THR D 15 11.01 19.12 4.22
N VAL D 16 11.41 20.33 3.82
CA VAL D 16 12.32 21.12 4.66
C VAL D 16 11.63 21.56 5.93
N ASN D 17 10.30 21.74 5.90
CA ASN D 17 9.56 22.08 7.11
C ASN D 17 9.59 20.93 8.11
N LYS D 18 9.57 19.68 7.63
CA LYS D 18 9.67 18.55 8.53
C LYS D 18 11.09 18.35 9.04
N ILE D 19 12.10 18.72 8.25
CA ILE D 19 13.47 18.68 8.72
C ILE D 19 13.69 19.73 9.82
N LEU D 20 13.19 20.94 9.59
CA LEU D 20 13.27 21.97 10.62
C LEU D 20 12.49 21.59 11.86
N ARG D 21 11.35 20.91 11.68
CA ARG D 21 10.57 20.45 12.82
C ARG D 21 11.28 19.35 13.58
N ALA D 22 12.11 18.56 12.91
CA ALA D 22 12.86 17.51 13.58
C ALA D 22 14.13 18.05 14.23
N GLN D 23 14.78 19.04 13.61
CA GLN D 23 15.98 19.62 14.21
C GLN D 23 15.64 20.34 15.51
N GLU D 24 14.50 21.02 15.55
CA GLU D 24 14.03 21.61 16.81
C GLU D 24 13.70 20.53 17.82
N THR D 25 13.26 19.35 17.36
CA THR D 25 13.02 18.24 18.27
C THR D 25 14.34 17.69 18.81
N ARG D 26 15.39 17.69 17.98
CA ARG D 26 16.70 17.27 18.46
C ARG D 26 17.30 18.31 19.40
N ALA D 27 17.18 19.59 19.06
CA ALA D 27 17.68 20.64 19.94
C ALA D 27 16.92 20.67 21.25
N GLN D 28 15.63 20.34 21.23
CA GLN D 28 14.88 20.21 22.48
C GLN D 28 15.41 19.04 23.31
N LEU D 29 15.81 17.96 22.65
CA LEU D 29 16.33 16.80 23.37
C LEU D 29 17.73 17.05 23.92
N TYR D 30 18.53 17.86 23.21
CA TYR D 30 19.79 18.31 23.78
C TYR D 30 19.56 19.12 25.05
N LYS D 31 18.48 19.90 25.08
CA LYS D 31 18.15 20.66 26.28
C LYS D 31 17.84 19.73 27.45
N GLU D 32 17.12 18.65 27.20
CA GLU D 32 16.85 17.67 28.25
C GLU D 32 18.14 17.00 28.71
N LEU D 33 19.06 16.74 27.78
CA LEU D 33 20.31 16.07 28.13
C LEU D 33 21.19 16.98 28.99
N GLU D 34 21.46 18.20 28.50
CA GLU D 34 22.35 19.09 29.22
C GLU D 34 21.76 19.55 30.55
N ASP D 35 20.43 19.67 30.62
CA ASP D 35 19.81 20.02 31.89
C ASP D 35 19.88 18.87 32.88
N ALA D 36 19.79 17.63 32.41
CA ALA D 36 19.96 16.49 33.28
C ALA D 36 21.42 16.23 33.62
N LEU D 37 22.35 16.71 32.80
CA LEU D 37 23.77 16.53 33.05
C LEU D 37 24.36 17.65 33.90
N ASN D 38 23.99 18.91 33.62
CA ASN D 38 24.52 20.03 34.39
C ASN D 38 24.07 19.98 35.84
N ALA D 39 22.85 19.50 36.09
CA ALA D 39 22.37 19.30 37.46
C ALA D 39 23.07 18.06 38.02
N ASN D 40 24.30 18.27 38.48
CA ASN D 40 25.12 17.17 38.97
C ASN D 40 24.46 16.49 40.15
N GLN D 41 24.55 15.16 40.19
CA GLN D 41 23.86 14.37 41.19
C GLN D 41 24.83 13.91 42.29
N GLU D 42 24.27 13.63 43.46
CA GLU D 42 25.07 13.32 44.64
C GLU D 42 25.28 11.83 44.83
N LYS D 43 24.21 11.04 44.90
CA LYS D 43 24.28 9.66 45.35
C LYS D 43 23.87 8.70 44.23
N LYS D 44 23.75 7.42 44.60
CA LYS D 44 23.57 6.35 43.61
C LYS D 44 22.18 6.40 42.99
N ILE D 45 21.14 6.52 43.83
CA ILE D 45 19.77 6.44 43.31
C ILE D 45 19.47 7.61 42.38
N GLY D 46 20.12 8.75 42.57
CA GLY D 46 19.93 9.87 41.67
C GLY D 46 20.66 9.69 40.36
N LEU D 47 21.90 9.18 40.42
CA LEU D 47 22.63 8.91 39.20
C LEU D 47 21.98 7.76 38.41
N GLU D 48 21.47 6.76 39.11
CA GLU D 48 20.64 5.75 38.46
C GLU D 48 19.40 6.38 37.84
N GLN D 49 18.84 7.41 38.49
CA GLN D 49 17.66 8.08 37.96
C GLN D 49 17.97 8.85 36.69
N MSE D 50 19.15 9.49 36.61
CA MSE D 50 19.54 10.20 35.42
C MSE D 50 20.19 9.25 34.42
O MSE D 50 20.33 9.58 33.24
CB MSE D 50 20.49 11.36 35.74
CG MSE D 50 21.84 10.93 36.30
SE MSE D 50 23.06 12.43 36.51
CE MSE D 50 23.44 12.77 34.63
N GLY D 51 20.59 8.08 34.90
CA GLY D 51 21.11 7.07 34.00
C GLY D 51 20.09 6.61 32.99
N ILE D 52 18.85 6.39 33.44
CA ILE D 52 17.77 6.04 32.53
C ILE D 52 17.24 7.25 31.79
N ILE D 53 17.50 8.47 32.29
CA ILE D 53 17.09 9.67 31.58
C ILE D 53 17.97 9.87 30.36
N VAL D 54 19.29 9.78 30.53
CA VAL D 54 20.20 9.84 29.39
C VAL D 54 19.86 8.73 28.40
N GLN D 55 19.46 7.56 28.89
CA GLN D 55 19.02 6.48 28.02
C GLN D 55 17.88 6.93 27.12
N LEU D 56 16.92 7.66 27.67
CA LEU D 56 15.78 8.12 26.87
C LEU D 56 16.19 9.23 25.92
N VAL D 57 17.11 10.10 26.34
CA VAL D 57 17.54 11.20 25.48
C VAL D 57 18.38 10.69 24.31
N THR D 58 19.32 9.79 24.60
CA THR D 58 20.17 9.25 23.54
C THR D 58 19.36 8.45 22.53
N GLU D 59 18.35 7.72 22.99
CA GLU D 59 17.49 6.99 22.07
C GLU D 59 16.67 7.93 21.21
N GLY D 60 16.15 9.01 21.81
CA GLY D 60 15.43 10.00 21.03
C GLY D 60 16.30 10.69 20.00
N LEU D 61 17.57 10.95 20.36
CA LEU D 61 18.50 11.52 19.40
C LEU D 61 18.76 10.56 18.26
N ASN D 62 18.82 9.26 18.55
CA ASN D 62 19.10 8.27 17.51
C ASN D 62 17.95 8.16 16.53
N GLU D 63 16.71 8.36 16.99
CA GLU D 63 15.56 8.29 16.10
C GLU D 63 15.40 9.58 15.30
N VAL D 64 15.53 10.73 15.97
CA VAL D 64 15.36 12.01 15.28
C VAL D 64 16.46 12.22 14.26
N SER D 65 17.71 11.90 14.62
CA SER D 65 18.82 12.06 13.68
C SER D 65 18.66 11.09 12.49
N SER D 66 18.27 9.85 12.77
CA SER D 66 18.04 8.91 11.67
C SER D 66 16.88 9.36 10.79
N ASP D 67 15.95 10.14 11.34
CA ASP D 67 14.89 10.73 10.52
C ASP D 67 15.45 11.80 9.60
N ILE D 68 16.21 12.75 10.17
CA ILE D 68 16.80 13.82 9.36
C ILE D 68 17.71 13.25 8.30
N ARG D 69 18.48 12.20 8.64
CA ARG D 69 19.29 11.52 7.64
C ARG D 69 18.43 10.87 6.57
N ASN D 70 17.24 10.39 6.94
CA ASN D 70 16.34 9.80 5.96
C ASN D 70 15.69 10.86 5.08
N TYR D 71 15.33 12.00 5.68
CA TYR D 71 14.72 13.09 4.91
C TYR D 71 15.68 13.66 3.87
N GLN D 72 16.98 13.46 4.04
CA GLN D 72 17.97 14.06 3.16
C GLN D 72 17.91 13.51 1.74
N ALA D 73 17.27 12.35 1.53
CA ALA D 73 17.27 11.72 0.22
C ALA D 73 16.56 12.56 -0.83
N SER D 74 15.54 13.31 -0.44
CA SER D 74 14.73 14.07 -1.40
C SER D 74 15.28 15.45 -1.71
N LEU D 75 16.24 15.95 -0.93
CA LEU D 75 16.73 17.30 -1.12
C LEU D 75 17.71 17.38 -2.29
N THR D 76 17.86 18.59 -2.82
CA THR D 76 18.74 18.83 -3.95
C THR D 76 20.20 18.87 -3.49
N LYS D 77 21.12 18.85 -4.46
CA LYS D 77 22.55 18.89 -4.15
C LYS D 77 22.91 20.08 -3.29
N GLU D 78 22.33 21.25 -3.59
CA GLU D 78 22.63 22.43 -2.80
C GLU D 78 22.11 22.31 -1.37
N LEU D 79 20.95 21.67 -1.20
CA LEU D 79 20.40 21.45 0.13
C LEU D 79 20.93 20.18 0.78
N LYS D 80 21.52 19.27 0.01
CA LYS D 80 22.09 18.05 0.58
C LYS D 80 23.31 18.35 1.44
N LEU D 81 24.23 19.16 0.91
CA LEU D 81 25.46 19.45 1.64
C LEU D 81 25.16 20.21 2.93
N LEU D 82 24.17 21.10 2.91
CA LEU D 82 23.81 21.82 4.13
C LEU D 82 23.39 20.86 5.23
N VAL D 83 22.63 19.81 4.88
CA VAL D 83 22.30 18.79 5.86
C VAL D 83 23.53 17.93 6.16
N ASP D 84 24.34 17.64 5.14
CA ASP D 84 25.59 16.93 5.38
C ASP D 84 26.53 17.75 6.25
N SER D 85 26.62 19.06 5.99
CA SER D 85 27.42 19.92 6.86
C SER D 85 26.77 20.11 8.22
N LEU D 86 25.44 20.02 8.29
CA LEU D 86 24.75 20.12 9.57
C LEU D 86 25.13 18.96 10.49
N GLN D 87 25.10 17.74 9.96
CA GLN D 87 25.36 16.57 10.81
C GLN D 87 26.80 16.52 11.28
N GLU D 88 27.74 17.04 10.48
CA GLU D 88 29.13 17.13 10.93
C GLU D 88 29.25 18.07 12.13
N LYS D 89 28.45 19.13 12.15
CA LYS D 89 28.39 19.99 13.34
C LYS D 89 27.75 19.25 14.51
N GLU D 90 26.76 18.39 14.23
CA GLU D 90 26.11 17.63 15.29
C GLU D 90 27.07 16.63 15.90
N ARG D 91 27.90 15.98 15.07
CA ARG D 91 28.96 15.12 15.59
C ARG D 91 29.92 15.92 16.47
N SER D 92 30.35 17.09 16.00
CA SER D 92 31.22 17.93 16.80
C SER D 92 30.50 18.43 18.06
N LYS D 93 29.18 18.60 17.99
CA LYS D 93 28.42 19.00 19.18
C LYS D 93 28.41 17.89 20.22
N LEU D 94 28.24 16.63 19.78
CA LEU D 94 28.35 15.51 20.71
C LEU D 94 29.78 15.36 21.21
N GLN D 95 30.77 15.66 20.38
CA GLN D 95 32.17 15.56 20.80
C GLN D 95 32.46 16.51 21.96
N ALA D 96 31.87 17.71 21.94
CA ALA D 96 32.08 18.63 23.06
C ALA D 96 31.31 18.17 24.30
N THR D 97 30.18 17.48 24.12
CA THR D 97 29.38 17.06 25.26
C THR D 97 30.04 15.92 26.02
N VAL D 98 30.60 14.94 25.32
CA VAL D 98 31.28 13.83 25.99
C VAL D 98 32.51 14.34 26.73
N LYS D 99 33.32 15.17 26.07
CA LYS D 99 34.50 15.72 26.72
C LYS D 99 34.12 16.65 27.86
N LEU D 100 32.99 17.36 27.74
CA LEU D 100 32.48 18.13 28.87
C LEU D 100 32.18 17.22 30.05
N GLU D 101 31.37 16.17 29.82
CA GLU D 101 31.00 15.26 30.90
C GLU D 101 32.20 14.48 31.41
N GLN D 102 33.18 14.20 30.56
CA GLN D 102 34.36 13.46 30.99
C GLN D 102 35.15 14.24 32.03
N LEU D 103 35.21 15.56 31.89
CA LEU D 103 35.89 16.40 32.86
C LEU D 103 34.96 16.93 33.94
N LYS D 104 33.68 17.12 33.63
CA LYS D 104 32.75 17.67 34.63
C LYS D 104 32.45 16.68 35.74
N VAL D 105 32.52 15.38 35.45
CA VAL D 105 32.16 14.37 36.45
C VAL D 105 33.18 14.37 37.59
N VAL D 106 34.45 14.10 37.28
CA VAL D 106 35.51 14.06 38.27
C VAL D 106 36.69 14.86 37.74
N SER D 107 36.94 16.03 38.34
CA SER D 107 38.10 16.86 38.08
C SER D 107 38.15 17.97 39.12
N THR D 108 39.36 18.41 39.43
CA THR D 108 39.54 19.52 40.38
C THR D 108 39.42 20.82 39.59
N ASN D 109 39.52 21.98 40.22
CA ASN D 109 39.50 23.21 39.40
C ASN D 109 40.92 23.46 38.89
N SER D 110 41.41 22.62 37.99
CA SER D 110 42.74 22.89 37.40
C SER D 110 42.58 24.19 36.61
N PRO D 111 43.54 25.13 36.66
CA PRO D 111 43.35 26.38 35.97
C PRO D 111 43.26 26.09 34.48
N VAL D 112 44.13 25.21 33.98
CA VAL D 112 44.13 24.84 32.54
C VAL D 112 42.80 24.18 32.20
N GLU D 113 42.32 23.32 33.09
CA GLU D 113 41.07 22.58 32.81
C GLU D 113 39.94 23.60 32.67
N ASN D 114 39.93 24.62 33.54
CA ASN D 114 38.85 25.63 33.49
C ASN D 114 38.93 26.34 32.14
N THR D 115 40.14 26.64 31.68
CA THR D 115 40.30 27.27 30.34
C THR D 115 39.83 26.27 29.29
N GLN D 116 40.14 24.99 29.52
CA GLN D 116 39.71 23.95 28.58
C GLN D 116 38.20 23.75 28.63
N ILE D 117 37.59 23.92 29.80
CA ILE D 117 36.12 23.92 29.87
C ILE D 117 35.56 25.10 29.10
N SER D 118 36.22 26.26 29.20
CA SER D 118 35.80 27.41 28.41
C SER D 118 35.99 27.16 26.92
N GLU D 119 37.05 26.44 26.55
CA GLU D 119 37.23 26.06 25.14
C GLU D 119 36.12 25.11 24.69
N LEU D 120 35.68 24.21 25.56
CA LEU D 120 34.59 23.31 25.22
C LEU D 120 33.24 24.03 25.26
N GLU D 121 33.03 24.87 26.27
CA GLU D 121 31.77 25.59 26.37
C GLU D 121 31.62 26.64 25.29
N ALA D 122 32.74 27.18 24.78
CA ALA D 122 32.65 28.12 23.67
C ALA D 122 32.30 27.40 22.38
N ARG D 123 32.83 26.19 22.19
CA ARG D 123 32.51 25.43 20.98
C ARG D 123 31.03 25.05 20.94
N LEU D 124 30.44 24.75 22.10
CA LEU D 124 29.00 24.47 22.15
C LEU D 124 28.20 25.69 21.69
N SER D 125 28.59 26.89 22.14
CA SER D 125 27.94 28.09 21.66
C SER D 125 28.39 28.44 20.25
N SER D 126 29.61 28.07 19.87
CA SER D 126 30.07 28.30 18.51
C SER D 126 29.33 27.43 17.52
N LEU D 127 29.27 26.12 17.79
CA LEU D 127 28.61 25.20 16.86
C LEU D 127 27.12 25.52 16.73
N SER D 128 26.48 25.93 17.83
CA SER D 128 25.08 26.32 17.75
C SER D 128 24.90 27.55 16.87
N LYS D 129 25.92 28.40 16.77
CA LYS D 129 25.83 29.54 15.86
C LYS D 129 25.94 29.09 14.40
N GLU D 130 26.81 28.12 14.13
CA GLU D 130 26.92 27.59 12.78
C GLU D 130 25.63 26.88 12.37
N ILE D 131 25.09 26.04 13.26
CA ILE D 131 23.89 25.27 12.94
C ILE D 131 22.72 26.20 12.65
N ASN D 132 22.53 27.22 13.49
CA ASN D 132 21.44 28.17 13.27
C ASN D 132 21.63 28.92 11.96
N ASP D 133 22.87 29.28 11.63
CA ASP D 133 23.14 29.90 10.34
C ASP D 133 22.87 28.94 9.19
N ILE D 134 23.26 27.67 9.35
CA ILE D 134 22.97 26.67 8.33
C ILE D 134 21.46 26.45 8.23
N LEU D 135 20.79 26.32 9.37
CA LEU D 135 19.34 26.14 9.36
C LEU D 135 18.64 27.35 8.74
N GLN D 136 19.17 28.55 8.99
CA GLN D 136 18.56 29.75 8.42
C GLN D 136 18.77 29.82 6.91
N ASN D 137 19.97 29.48 6.42
CA ASN D 137 20.22 29.48 4.99
C ASN D 137 19.79 28.19 4.31
N MSE D 138 19.36 27.18 5.08
CA MSE D 138 18.74 26.00 4.47
C MSE D 138 17.40 26.36 3.83
O MSE D 138 17.05 25.82 2.77
CB MSE D 138 18.54 24.92 5.52
CG MSE D 138 17.96 23.64 4.97
SE MSE D 138 17.80 22.22 6.25
CE MSE D 138 19.67 21.66 6.29
N LYS D 139 16.64 27.25 4.47
CA LYS D 139 15.37 27.69 3.89
C LYS D 139 15.59 28.36 2.53
N ASP D 140 16.65 29.14 2.41
CA ASP D 140 16.95 29.85 1.16
C ASP D 140 17.75 28.95 0.22
N MSE E 12 -4.71 -22.96 -3.44
CA MSE E 12 -6.16 -23.00 -3.25
C MSE E 12 -6.59 -22.03 -2.16
O MSE E 12 -7.71 -21.49 -2.19
CB MSE E 12 -6.62 -24.42 -2.90
CG MSE E 12 -8.13 -24.61 -2.92
SE MSE E 12 -8.82 -24.90 -4.72
CE MSE E 12 -7.95 -26.62 -5.09
N GLU E 13 -5.71 -21.79 -1.19
CA GLU E 13 -6.02 -20.87 -0.10
C GLU E 13 -6.18 -19.45 -0.60
N GLU E 14 -5.23 -18.98 -1.40
CA GLU E 14 -5.26 -17.59 -1.87
C GLU E 14 -6.45 -17.33 -2.77
N THR E 15 -6.78 -18.28 -3.65
CA THR E 15 -7.82 -18.05 -4.64
C THR E 15 -9.19 -17.85 -4.00
N VAL E 16 -9.50 -18.65 -2.97
CA VAL E 16 -10.77 -18.47 -2.27
C VAL E 16 -10.76 -17.16 -1.49
N ASN E 17 -9.65 -16.85 -0.82
CA ASN E 17 -9.52 -15.56 -0.16
C ASN E 17 -9.55 -14.42 -1.17
N LYS E 18 -8.95 -14.64 -2.36
CA LYS E 18 -9.01 -13.62 -3.40
C LYS E 18 -10.43 -13.44 -3.92
N ILE E 19 -11.24 -14.50 -3.91
CA ILE E 19 -12.63 -14.37 -4.30
C ILE E 19 -13.39 -13.51 -3.28
N LEU E 20 -13.14 -13.73 -1.99
CA LEU E 20 -13.83 -12.95 -0.97
C LEU E 20 -13.47 -11.48 -1.04
N ARG E 21 -12.24 -11.15 -1.44
CA ARG E 21 -11.86 -9.75 -1.61
C ARG E 21 -12.75 -9.06 -2.64
N ALA E 22 -13.16 -9.79 -3.69
CA ALA E 22 -14.09 -9.21 -4.65
C ALA E 22 -15.50 -9.16 -4.09
N GLN E 23 -15.88 -10.10 -3.22
CA GLN E 23 -17.18 -10.05 -2.58
C GLN E 23 -17.26 -8.87 -1.61
N GLU E 24 -16.15 -8.55 -0.94
CA GLU E 24 -16.14 -7.38 -0.06
C GLU E 24 -16.46 -6.10 -0.84
N THR E 25 -15.91 -5.97 -2.05
CA THR E 25 -16.20 -4.80 -2.87
C THR E 25 -17.61 -4.88 -3.46
N ARG E 26 -18.05 -6.08 -3.83
CA ARG E 26 -19.39 -6.23 -4.37
C ARG E 26 -20.46 -5.95 -3.32
N ALA E 27 -20.21 -6.41 -2.08
CA ALA E 27 -21.16 -6.13 -1.01
C ALA E 27 -21.24 -4.63 -0.73
N GLN E 28 -20.10 -3.95 -0.73
CA GLN E 28 -20.09 -2.51 -0.52
C GLN E 28 -20.73 -1.79 -1.71
N LEU E 29 -20.54 -2.32 -2.92
CA LEU E 29 -21.15 -1.71 -4.10
C LEU E 29 -22.67 -1.76 -4.02
N TYR E 30 -23.22 -2.88 -3.53
CA TYR E 30 -24.66 -2.96 -3.29
C TYR E 30 -25.10 -1.93 -2.26
N LYS E 31 -24.36 -1.82 -1.16
CA LYS E 31 -24.69 -0.85 -0.13
C LYS E 31 -24.51 0.58 -0.64
N GLU E 32 -23.52 0.81 -1.51
CA GLU E 32 -23.42 2.10 -2.18
C GLU E 32 -24.60 2.31 -3.11
N LEU E 33 -25.02 1.25 -3.82
CA LEU E 33 -26.20 1.34 -4.66
C LEU E 33 -27.45 1.56 -3.82
N GLU E 34 -27.52 0.93 -2.65
CA GLU E 34 -28.67 1.11 -1.77
C GLU E 34 -28.78 2.54 -1.27
N ASP E 35 -27.65 3.20 -1.03
CA ASP E 35 -27.67 4.55 -0.47
C ASP E 35 -28.28 5.54 -1.44
N ALA E 36 -27.82 5.55 -2.68
CA ALA E 36 -28.37 6.49 -3.67
C ALA E 36 -29.85 6.23 -3.91
N LEU E 37 -30.28 4.98 -3.84
CA LEU E 37 -31.71 4.69 -3.91
C LEU E 37 -32.45 5.27 -2.72
N ASN E 38 -31.85 5.19 -1.52
CA ASN E 38 -32.45 5.79 -0.35
C ASN E 38 -32.39 7.31 -0.41
N ALA E 39 -31.28 7.85 -0.91
CA ALA E 39 -31.13 9.31 -1.00
C ALA E 39 -32.19 9.91 -1.90
N ASN E 40 -32.43 9.30 -3.07
CA ASN E 40 -33.48 9.79 -3.96
C ASN E 40 -34.86 9.58 -3.37
N GLN E 41 -35.05 8.49 -2.61
CA GLN E 41 -36.37 8.20 -2.05
C GLN E 41 -36.75 9.20 -0.96
N GLU E 42 -35.77 9.75 -0.24
CA GLU E 42 -36.01 10.74 0.79
C GLU E 42 -35.82 12.17 0.29
N LYS E 43 -36.01 12.39 -1.02
CA LYS E 43 -35.95 13.70 -1.65
C LYS E 43 -34.59 14.39 -1.48
N LYS E 44 -33.55 13.62 -1.18
CA LYS E 44 -32.23 14.23 -0.98
C LYS E 44 -31.55 14.53 -2.31
N ILE E 45 -31.63 13.63 -3.28
CA ILE E 45 -30.93 13.78 -4.55
C ILE E 45 -31.92 13.55 -5.68
N GLY E 46 -31.61 14.15 -6.84
CA GLY E 46 -32.48 14.05 -8.00
C GLY E 46 -32.34 12.76 -8.76
N LEU E 47 -33.17 12.62 -9.81
CA LEU E 47 -33.15 11.42 -10.63
C LEU E 47 -31.85 11.29 -11.41
N GLU E 48 -31.37 12.40 -12.00
CA GLU E 48 -30.18 12.34 -12.84
C GLU E 48 -28.93 12.00 -12.03
N GLN E 49 -28.78 12.62 -10.86
CA GLN E 49 -27.60 12.34 -10.04
C GLN E 49 -27.66 10.95 -9.41
N MSE E 50 -28.85 10.36 -9.33
CA MSE E 50 -28.95 8.97 -8.91
C MSE E 50 -28.56 8.04 -10.05
O MSE E 50 -27.94 7.00 -9.85
CB MSE E 50 -30.37 8.66 -8.42
CG MSE E 50 -30.82 7.27 -8.78
SE MSE E 50 -32.41 6.67 -7.85
CE MSE E 50 -32.77 5.12 -8.98
N GLY E 51 -28.93 8.45 -11.27
CA GLY E 51 -28.66 7.60 -12.43
C GLY E 51 -27.17 7.35 -12.65
N ILE E 52 -26.35 8.39 -12.52
CA ILE E 52 -24.91 8.21 -12.67
C ILE E 52 -24.38 7.21 -11.65
N ILE E 53 -24.90 7.25 -10.42
CA ILE E 53 -24.46 6.31 -9.40
C ILE E 53 -24.83 4.88 -9.79
N VAL E 54 -26.07 4.68 -10.27
CA VAL E 54 -26.49 3.36 -10.73
C VAL E 54 -25.61 2.91 -11.89
N GLN E 55 -25.30 3.83 -12.82
CA GLN E 55 -24.44 3.49 -13.95
C GLN E 55 -23.06 3.05 -13.48
N LEU E 56 -22.48 3.77 -12.53
CA LEU E 56 -21.15 3.42 -12.05
C LEU E 56 -21.15 2.13 -11.23
N VAL E 57 -22.19 1.93 -10.42
CA VAL E 57 -22.23 0.75 -9.57
C VAL E 57 -22.50 -0.50 -10.40
N THR E 58 -23.44 -0.41 -11.36
CA THR E 58 -23.75 -1.57 -12.18
C THR E 58 -22.53 -2.06 -12.93
N GLU E 59 -21.70 -1.15 -13.43
CA GLU E 59 -20.45 -1.55 -14.06
C GLU E 59 -19.53 -2.25 -13.07
N GLY E 60 -19.45 -1.74 -11.84
CA GLY E 60 -18.68 -2.41 -10.82
C GLY E 60 -19.18 -3.83 -10.55
N LEU E 61 -20.51 -3.98 -10.46
CA LEU E 61 -21.08 -5.31 -10.28
C LEU E 61 -20.76 -6.22 -11.46
N ASN E 62 -20.82 -5.68 -12.68
CA ASN E 62 -20.50 -6.48 -13.85
C ASN E 62 -19.02 -6.83 -13.91
N GLU E 63 -18.16 -5.98 -13.35
CA GLU E 63 -16.73 -6.28 -13.33
C GLU E 63 -16.37 -7.22 -12.19
N VAL E 64 -17.01 -7.07 -11.03
CA VAL E 64 -16.78 -8.00 -9.94
C VAL E 64 -17.31 -9.39 -10.31
N SER E 65 -18.52 -9.45 -10.85
CA SER E 65 -19.11 -10.74 -11.21
C SER E 65 -18.28 -11.46 -12.26
N SER E 66 -17.78 -10.72 -13.26
CA SER E 66 -16.90 -11.34 -14.24
C SER E 66 -15.58 -11.76 -13.63
N ASP E 67 -15.10 -11.02 -12.62
CA ASP E 67 -13.89 -11.43 -11.91
C ASP E 67 -14.11 -12.74 -11.17
N ILE E 68 -15.24 -12.85 -10.47
CA ILE E 68 -15.55 -14.09 -9.75
C ILE E 68 -15.69 -15.26 -10.73
N ARG E 69 -16.28 -15.00 -11.90
CA ARG E 69 -16.42 -16.05 -12.90
C ARG E 69 -15.08 -16.51 -13.42
N ASN E 70 -14.05 -15.66 -13.34
CA ASN E 70 -12.73 -16.05 -13.80
C ASN E 70 -12.05 -17.00 -12.83
N TYR E 71 -12.27 -16.82 -11.53
CA TYR E 71 -11.63 -17.65 -10.52
C TYR E 71 -12.24 -19.05 -10.42
N GLN E 72 -13.38 -19.29 -11.07
CA GLN E 72 -14.01 -20.60 -10.97
C GLN E 72 -13.14 -21.70 -11.56
N ALA E 73 -12.34 -21.38 -12.58
CA ALA E 73 -11.53 -22.39 -13.24
C ALA E 73 -10.43 -22.92 -12.31
N SER E 74 -9.97 -22.10 -11.38
CA SER E 74 -8.88 -22.50 -10.49
C SER E 74 -9.35 -23.18 -9.22
N LEU E 75 -10.66 -23.28 -9.00
CA LEU E 75 -11.18 -23.86 -7.76
C LEU E 75 -11.38 -25.37 -7.92
N THR E 76 -11.48 -26.05 -6.78
CA THR E 76 -11.77 -27.46 -6.78
C THR E 76 -13.25 -27.70 -7.13
N LYS E 77 -13.58 -28.97 -7.39
CA LYS E 77 -14.91 -29.29 -7.90
C LYS E 77 -16.00 -28.87 -6.92
N GLU E 78 -15.82 -29.17 -5.64
CA GLU E 78 -16.82 -28.79 -4.65
C GLU E 78 -16.87 -27.26 -4.49
N LEU E 79 -15.72 -26.60 -4.53
CA LEU E 79 -15.69 -25.14 -4.45
C LEU E 79 -16.17 -24.51 -5.75
N LYS E 80 -16.00 -25.20 -6.88
CA LYS E 80 -16.57 -24.73 -8.13
C LYS E 80 -18.09 -24.63 -8.03
N LEU E 81 -18.73 -25.71 -7.54
CA LEU E 81 -20.18 -25.70 -7.40
C LEU E 81 -20.64 -24.76 -6.31
N LEU E 82 -19.82 -24.54 -5.29
CA LEU E 82 -20.19 -23.61 -4.22
C LEU E 82 -20.27 -22.18 -4.73
N VAL E 83 -19.24 -21.75 -5.48
CA VAL E 83 -19.27 -20.43 -6.11
C VAL E 83 -20.24 -20.41 -7.29
N ASP E 84 -20.51 -21.57 -7.90
CA ASP E 84 -21.54 -21.65 -8.93
C ASP E 84 -22.89 -21.22 -8.37
N SER E 85 -23.17 -21.56 -7.12
CA SER E 85 -24.39 -21.10 -6.46
C SER E 85 -24.31 -19.63 -6.06
N LEU E 86 -23.09 -19.12 -5.84
CA LEU E 86 -22.93 -17.70 -5.55
C LEU E 86 -23.35 -16.84 -6.75
N GLN E 87 -22.98 -17.28 -7.96
CA GLN E 87 -23.37 -16.54 -9.16
C GLN E 87 -24.89 -16.50 -9.31
N GLU E 88 -25.53 -17.67 -9.23
CA GLU E 88 -26.98 -17.73 -9.40
C GLU E 88 -27.73 -17.00 -8.30
N LYS E 89 -27.13 -16.90 -7.11
CA LYS E 89 -27.77 -16.15 -6.03
C LYS E 89 -27.65 -14.64 -6.27
N GLU E 90 -26.46 -14.19 -6.67
CA GLU E 90 -26.28 -12.77 -6.99
C GLU E 90 -26.94 -12.40 -8.31
N ARG E 91 -27.08 -13.36 -9.22
CA ARG E 91 -27.80 -13.11 -10.46
C ARG E 91 -29.26 -12.74 -10.20
N SER E 92 -29.97 -13.59 -9.45
CA SER E 92 -31.34 -13.25 -9.08
C SER E 92 -31.39 -12.04 -8.16
N LYS E 93 -30.37 -11.84 -7.33
CA LYS E 93 -30.32 -10.67 -6.47
C LYS E 93 -30.12 -9.39 -7.28
N LEU E 94 -29.40 -9.47 -8.40
CA LEU E 94 -29.21 -8.29 -9.24
C LEU E 94 -30.49 -7.95 -9.98
N GLN E 95 -31.15 -8.95 -10.57
CA GLN E 95 -32.41 -8.70 -11.24
C GLN E 95 -33.51 -8.31 -10.26
N ALA E 96 -33.39 -8.74 -9.00
CA ALA E 96 -34.34 -8.32 -7.98
C ALA E 96 -34.22 -6.82 -7.72
N THR E 97 -33.00 -6.35 -7.46
CA THR E 97 -32.78 -4.93 -7.19
C THR E 97 -33.16 -4.06 -8.38
N VAL E 98 -32.98 -4.57 -9.60
CA VAL E 98 -33.24 -3.76 -10.79
C VAL E 98 -34.74 -3.52 -10.95
N LYS E 99 -35.53 -4.59 -10.99
CA LYS E 99 -36.97 -4.43 -11.17
C LYS E 99 -37.61 -3.80 -9.93
N LEU E 100 -37.07 -4.07 -8.75
CA LEU E 100 -37.54 -3.37 -7.55
C LEU E 100 -37.29 -1.87 -7.66
N GLU E 101 -36.16 -1.49 -8.24
CA GLU E 101 -35.89 -0.08 -8.49
C GLU E 101 -36.85 0.47 -9.55
N GLN E 102 -37.16 -0.33 -10.57
CA GLN E 102 -38.07 0.10 -11.62
C GLN E 102 -39.44 0.50 -11.07
N LEU E 103 -39.85 -0.11 -9.95
CA LEU E 103 -41.17 0.16 -9.40
C LEU E 103 -41.24 1.49 -8.64
N LYS E 104 -40.17 1.81 -7.90
CA LYS E 104 -40.20 3.03 -7.08
C LYS E 104 -40.27 4.29 -7.93
N VAL E 105 -39.63 4.27 -9.09
CA VAL E 105 -39.58 5.47 -9.93
C VAL E 105 -40.97 5.87 -10.41
N VAL E 106 -41.78 4.89 -10.80
CA VAL E 106 -43.16 5.16 -11.15
C VAL E 106 -43.93 5.53 -9.88
N SER E 107 -44.54 6.72 -9.88
CA SER E 107 -45.03 7.35 -8.66
C SER E 107 -46.50 7.05 -8.45
N THR E 108 -46.79 6.01 -7.67
CA THR E 108 -48.12 5.70 -7.18
C THR E 108 -47.99 4.92 -5.87
N ASN E 109 -48.95 5.14 -4.97
CA ASN E 109 -49.06 4.39 -3.73
C ASN E 109 -50.14 3.31 -3.83
N SER E 110 -50.36 2.79 -5.03
CA SER E 110 -51.40 1.80 -5.25
C SER E 110 -51.14 0.57 -4.37
N PRO E 111 -52.20 -0.09 -3.89
CA PRO E 111 -51.98 -1.25 -3.00
C PRO E 111 -51.11 -2.33 -3.61
N VAL E 112 -51.30 -2.63 -4.90
CA VAL E 112 -50.56 -3.71 -5.53
C VAL E 112 -49.07 -3.42 -5.55
N GLU E 113 -48.70 -2.18 -5.86
CA GLU E 113 -47.29 -1.81 -5.88
C GLU E 113 -46.67 -1.91 -4.48
N ASN E 114 -47.36 -1.38 -3.47
CA ASN E 114 -46.83 -1.42 -2.11
C ASN E 114 -46.65 -2.86 -1.63
N THR E 115 -47.61 -3.73 -1.94
CA THR E 115 -47.43 -5.14 -1.59
C THR E 115 -46.30 -5.77 -2.40
N GLN E 116 -46.20 -5.43 -3.69
CA GLN E 116 -45.18 -6.05 -4.54
C GLN E 116 -43.78 -5.64 -4.11
N ILE E 117 -43.55 -4.34 -3.86
CA ILE E 117 -42.23 -3.90 -3.44
C ILE E 117 -41.83 -4.56 -2.14
N SER E 118 -42.80 -4.85 -1.26
CA SER E 118 -42.51 -5.60 -0.04
C SER E 118 -42.21 -7.06 -0.36
N GLU E 119 -42.92 -7.63 -1.35
CA GLU E 119 -42.59 -8.97 -1.81
C GLU E 119 -41.18 -9.00 -2.39
N LEU E 120 -40.83 -8.00 -3.20
CA LEU E 120 -39.47 -7.92 -3.72
C LEU E 120 -38.48 -7.56 -2.62
N GLU E 121 -38.90 -6.71 -1.67
CA GLU E 121 -38.04 -6.42 -0.52
C GLU E 121 -37.82 -7.66 0.33
N ALA E 122 -38.86 -8.47 0.51
CA ALA E 122 -38.70 -9.75 1.21
C ALA E 122 -37.80 -10.69 0.42
N ARG E 123 -38.00 -10.74 -0.90
CA ARG E 123 -37.11 -11.55 -1.74
C ARG E 123 -35.68 -11.05 -1.68
N LEU E 124 -35.49 -9.73 -1.55
CA LEU E 124 -34.14 -9.18 -1.44
C LEU E 124 -33.47 -9.60 -0.15
N SER E 125 -34.14 -9.37 0.99
CA SER E 125 -33.53 -9.67 2.28
C SER E 125 -33.34 -11.17 2.46
N SER E 126 -34.29 -11.98 1.97
CA SER E 126 -34.15 -13.42 2.10
C SER E 126 -33.04 -13.97 1.21
N LEU E 127 -32.93 -13.45 -0.01
CA LEU E 127 -31.85 -13.87 -0.89
C LEU E 127 -30.50 -13.36 -0.38
N SER E 128 -30.45 -12.12 0.09
CA SER E 128 -29.22 -11.57 0.65
C SER E 128 -28.74 -12.38 1.85
N LYS E 129 -29.67 -12.93 2.63
CA LYS E 129 -29.29 -13.77 3.76
C LYS E 129 -28.66 -15.08 3.30
N GLU E 130 -29.09 -15.60 2.15
CA GLU E 130 -28.54 -16.85 1.65
C GLU E 130 -27.11 -16.71 1.15
N ILE E 131 -26.67 -15.47 0.87
CA ILE E 131 -25.29 -15.27 0.44
C ILE E 131 -24.32 -15.57 1.59
N ASN E 132 -24.62 -15.06 2.79
CA ASN E 132 -23.74 -15.30 3.93
C ASN E 132 -23.66 -16.78 4.27
N ASP E 133 -24.76 -17.51 4.11
CA ASP E 133 -24.73 -18.95 4.33
C ASP E 133 -23.82 -19.64 3.32
N ILE E 134 -23.72 -19.11 2.11
CA ILE E 134 -22.84 -19.69 1.10
C ILE E 134 -21.40 -19.27 1.34
N LEU E 135 -21.17 -18.00 1.69
CA LEU E 135 -19.81 -17.54 1.97
C LEU E 135 -19.21 -18.29 3.17
N GLN E 136 -20.00 -18.46 4.23
CA GLN E 136 -19.50 -19.23 5.38
C GLN E 136 -19.35 -20.70 5.03
N ASN E 137 -20.15 -21.21 4.09
CA ASN E 137 -19.90 -22.55 3.57
C ASN E 137 -18.63 -22.56 2.74
N MSE E 138 -18.34 -21.45 2.05
CA MSE E 138 -17.06 -21.32 1.36
C MSE E 138 -15.91 -21.14 2.33
O MSE E 138 -14.81 -21.66 2.10
CB MSE E 138 -17.13 -20.14 0.40
CG MSE E 138 -18.08 -20.35 -0.78
SE MSE E 138 -18.24 -18.83 -1.94
CE MSE E 138 -16.49 -18.96 -2.79
N LYS E 139 -16.14 -20.42 3.43
CA LYS E 139 -15.09 -20.18 4.40
C LYS E 139 -14.59 -21.45 5.08
N ASP E 140 -15.50 -22.40 5.33
CA ASP E 140 -15.15 -23.66 5.95
C ASP E 140 -14.58 -24.68 4.96
N GLU E 141 -14.22 -24.25 3.76
CA GLU E 141 -13.70 -25.12 2.71
C GLU E 141 -14.64 -26.28 2.42
N ASP F 11 -15.67 -23.42 -41.94
CA ASP F 11 -14.27 -23.45 -41.52
C ASP F 11 -13.88 -22.13 -40.87
N MSE F 12 -12.75 -21.58 -41.30
CA MSE F 12 -12.25 -20.31 -40.76
C MSE F 12 -13.06 -19.14 -41.29
O MSE F 12 -13.18 -18.11 -40.62
CB MSE F 12 -10.77 -20.14 -41.10
CG MSE F 12 -10.06 -19.12 -40.24
SE MSE F 12 -10.24 -19.53 -38.35
CE MSE F 12 -8.64 -20.63 -38.12
N GLU F 13 -13.61 -19.30 -42.49
CA GLU F 13 -14.38 -18.23 -43.11
C GLU F 13 -15.66 -17.94 -42.34
N GLU F 14 -16.33 -18.98 -41.84
CA GLU F 14 -17.61 -18.79 -41.16
C GLU F 14 -17.45 -17.99 -39.87
N THR F 15 -16.41 -18.31 -39.08
CA THR F 15 -16.23 -17.62 -37.81
C THR F 15 -15.77 -16.19 -38.03
N VAL F 16 -14.94 -15.95 -39.04
CA VAL F 16 -14.51 -14.58 -39.35
C VAL F 16 -15.70 -13.74 -39.79
N ASN F 17 -16.61 -14.32 -40.57
CA ASN F 17 -17.81 -13.59 -40.99
C ASN F 17 -18.70 -13.27 -39.79
N LYS F 18 -18.72 -14.14 -38.77
CA LYS F 18 -19.43 -13.82 -37.55
C LYS F 18 -18.85 -12.56 -36.89
N ILE F 19 -17.53 -12.42 -36.93
CA ILE F 19 -16.89 -11.23 -36.36
C ILE F 19 -17.15 -10.02 -37.24
N LEU F 20 -17.07 -10.18 -38.56
CA LEU F 20 -17.26 -9.06 -39.46
C LEU F 20 -18.70 -8.53 -39.40
N ARG F 21 -19.68 -9.41 -39.20
CA ARG F 21 -21.05 -8.94 -39.03
C ARG F 21 -21.23 -8.18 -37.72
N ALA F 22 -20.54 -8.61 -36.66
CA ALA F 22 -20.58 -7.89 -35.40
C ALA F 22 -19.96 -6.51 -35.54
N GLN F 23 -18.80 -6.43 -36.19
CA GLN F 23 -18.13 -5.15 -36.38
C GLN F 23 -19.00 -4.19 -37.19
N GLU F 24 -19.73 -4.71 -38.18
CA GLU F 24 -20.61 -3.86 -38.97
C GLU F 24 -21.74 -3.30 -38.11
N THR F 25 -22.27 -4.11 -37.21
CA THR F 25 -23.30 -3.62 -36.28
C THR F 25 -22.75 -2.55 -35.35
N ARG F 26 -21.53 -2.75 -34.86
CA ARG F 26 -20.90 -1.73 -34.02
C ARG F 26 -20.63 -0.46 -34.82
N ALA F 27 -20.14 -0.60 -36.05
CA ALA F 27 -19.97 0.57 -36.92
C ALA F 27 -21.32 1.22 -37.20
N GLN F 28 -22.37 0.43 -37.35
CA GLN F 28 -23.70 0.98 -37.51
C GLN F 28 -24.19 1.62 -36.21
N LEU F 29 -23.84 1.02 -35.07
CA LEU F 29 -24.17 1.62 -33.78
C LEU F 29 -23.44 2.94 -33.58
N TYR F 30 -22.22 3.06 -34.08
CA TYR F 30 -21.45 4.28 -33.90
C TYR F 30 -22.10 5.46 -34.62
N LYS F 31 -22.64 5.23 -35.82
CA LYS F 31 -23.26 6.31 -36.56
C LYS F 31 -24.53 6.80 -35.89
N GLU F 32 -25.29 5.89 -35.26
CA GLU F 32 -26.45 6.32 -34.48
C GLU F 32 -26.03 7.11 -33.26
N LEU F 33 -24.90 6.76 -32.65
CA LEU F 33 -24.40 7.50 -31.50
C LEU F 33 -23.96 8.91 -31.91
N GLU F 34 -23.20 9.01 -33.00
CA GLU F 34 -22.79 10.32 -33.50
C GLU F 34 -23.97 11.15 -33.97
N ASP F 35 -25.04 10.49 -34.44
CA ASP F 35 -26.23 11.21 -34.85
C ASP F 35 -26.92 11.87 -33.66
N ALA F 36 -27.04 11.13 -32.55
CA ALA F 36 -27.66 11.70 -31.36
C ALA F 36 -26.73 12.70 -30.67
N LEU F 37 -25.43 12.43 -30.70
CA LEU F 37 -24.48 13.31 -30.02
C LEU F 37 -24.34 14.65 -30.73
N ASN F 38 -24.40 14.64 -32.06
CA ASN F 38 -24.37 15.89 -32.82
C ASN F 38 -25.70 16.62 -32.81
N ALA F 39 -26.78 15.96 -32.40
CA ALA F 39 -28.09 16.61 -32.41
C ALA F 39 -28.21 17.64 -31.28
N ASN F 40 -27.46 17.47 -30.19
CA ASN F 40 -27.52 18.43 -29.10
C ASN F 40 -26.73 19.70 -29.43
N GLN F 41 -25.64 19.57 -30.18
CA GLN F 41 -24.87 20.75 -30.58
C GLN F 41 -25.74 21.71 -31.38
N GLU F 42 -26.63 21.18 -32.22
CA GLU F 42 -27.63 21.97 -32.93
C GLU F 42 -28.88 22.20 -32.10
N LYS F 43 -28.95 21.63 -30.89
CA LYS F 43 -30.07 21.82 -29.96
C LYS F 43 -31.41 21.40 -30.59
N LYS F 44 -31.37 20.42 -31.50
CA LYS F 44 -32.56 19.93 -32.15
C LYS F 44 -33.28 18.85 -31.35
N ILE F 45 -32.68 18.36 -30.27
CA ILE F 45 -33.27 17.31 -29.45
C ILE F 45 -32.92 17.57 -28.00
N GLY F 46 -33.77 17.07 -27.10
CA GLY F 46 -33.52 17.24 -25.69
C GLY F 46 -32.39 16.36 -25.18
N LEU F 47 -31.79 16.80 -24.08
CA LEU F 47 -30.67 16.06 -23.50
C LEU F 47 -31.12 14.71 -22.97
N GLU F 48 -32.34 14.64 -22.41
CA GLU F 48 -32.84 13.36 -21.91
C GLU F 48 -33.11 12.39 -23.04
N GLN F 49 -33.60 12.88 -24.19
CA GLN F 49 -33.85 12.00 -25.32
C GLN F 49 -32.56 11.39 -25.85
N MSE F 50 -31.47 12.14 -25.81
CA MSE F 50 -30.16 11.62 -26.20
C MSE F 50 -29.69 10.53 -25.25
O MSE F 50 -29.17 9.50 -25.69
CB MSE F 50 -29.13 12.74 -26.26
CG MSE F 50 -27.71 12.26 -26.02
SE MSE F 50 -26.52 13.69 -25.46
CE MSE F 50 -26.18 14.50 -27.19
N GLY F 51 -29.89 10.77 -23.95
CA GLY F 51 -29.39 9.84 -22.95
C GLY F 51 -29.94 8.43 -23.13
N ILE F 52 -31.24 8.32 -23.41
CA ILE F 52 -31.84 7.00 -23.61
C ILE F 52 -31.37 6.38 -24.91
N ILE F 53 -30.92 7.18 -25.87
CA ILE F 53 -30.31 6.62 -27.08
C ILE F 53 -28.92 6.09 -26.77
N VAL F 54 -28.13 6.85 -26.03
CA VAL F 54 -26.78 6.43 -25.68
C VAL F 54 -26.81 5.17 -24.82
N GLN F 55 -27.72 5.12 -23.85
CA GLN F 55 -27.81 3.96 -22.98
C GLN F 55 -28.13 2.69 -23.76
N LEU F 56 -28.87 2.82 -24.87
CA LEU F 56 -29.13 1.67 -25.73
C LEU F 56 -27.93 1.34 -26.59
N VAL F 57 -27.22 2.36 -27.09
CA VAL F 57 -26.07 2.12 -27.95
C VAL F 57 -24.94 1.48 -27.16
N THR F 58 -24.66 2.00 -25.96
CA THR F 58 -23.57 1.48 -25.16
C THR F 58 -23.79 0.03 -24.77
N GLU F 59 -25.05 -0.39 -24.61
CA GLU F 59 -25.32 -1.79 -24.31
C GLU F 59 -25.12 -2.65 -25.56
N GLY F 60 -25.51 -2.14 -26.73
CA GLY F 60 -25.24 -2.87 -27.96
C GLY F 60 -23.75 -2.95 -28.26
N LEU F 61 -23.01 -1.88 -27.99
CA LEU F 61 -21.56 -1.92 -28.15
C LEU F 61 -20.94 -2.96 -27.23
N ASN F 62 -21.49 -3.13 -26.02
CA ASN F 62 -21.00 -4.15 -25.11
C ASN F 62 -21.20 -5.55 -25.70
N GLU F 63 -22.40 -5.83 -26.20
CA GLU F 63 -22.68 -7.14 -26.77
C GLU F 63 -21.78 -7.43 -27.96
N VAL F 64 -21.58 -6.45 -28.84
CA VAL F 64 -20.76 -6.67 -30.02
C VAL F 64 -19.31 -6.92 -29.61
N SER F 65 -18.75 -6.05 -28.77
CA SER F 65 -17.37 -6.22 -28.34
C SER F 65 -17.17 -7.50 -27.55
N SER F 66 -18.18 -7.91 -26.79
CA SER F 66 -18.07 -9.14 -26.01
C SER F 66 -18.21 -10.37 -26.90
N ASP F 67 -19.09 -10.30 -27.89
CA ASP F 67 -19.27 -11.44 -28.80
C ASP F 67 -18.00 -11.71 -29.60
N ILE F 68 -17.28 -10.66 -29.98
CA ILE F 68 -16.06 -10.83 -30.77
C ILE F 68 -15.01 -11.58 -29.98
N ARG F 69 -14.91 -11.30 -28.67
CA ARG F 69 -13.92 -11.97 -27.84
C ARG F 69 -14.18 -13.47 -27.76
N ASN F 70 -15.44 -13.86 -27.60
CA ASN F 70 -15.78 -15.28 -27.55
C ASN F 70 -15.50 -15.99 -28.87
N TYR F 71 -15.55 -15.24 -29.97
CA TYR F 71 -15.28 -15.82 -31.29
C TYR F 71 -13.80 -16.03 -31.54
N GLN F 72 -12.93 -15.44 -30.73
CA GLN F 72 -11.49 -15.56 -30.94
C GLN F 72 -11.01 -17.00 -30.71
N ALA F 73 -11.72 -17.78 -29.90
CA ALA F 73 -11.31 -19.15 -29.62
C ALA F 73 -11.29 -20.02 -30.87
N SER F 74 -12.06 -19.65 -31.90
CA SER F 74 -12.11 -20.38 -33.15
C SER F 74 -11.26 -19.73 -34.24
N LEU F 75 -10.12 -19.13 -33.86
CA LEU F 75 -9.27 -18.41 -34.79
C LEU F 75 -7.83 -18.88 -34.62
N THR F 76 -7.00 -18.54 -35.61
CA THR F 76 -5.57 -18.80 -35.53
C THR F 76 -4.88 -17.70 -34.74
N LYS F 77 -3.66 -18.00 -34.29
CA LYS F 77 -2.90 -17.06 -33.47
C LYS F 77 -2.63 -15.76 -34.23
N GLU F 78 -2.49 -15.82 -35.56
CA GLU F 78 -2.31 -14.60 -36.33
C GLU F 78 -3.61 -13.84 -36.47
N LEU F 79 -4.73 -14.55 -36.61
CA LEU F 79 -6.03 -13.87 -36.68
C LEU F 79 -6.45 -13.34 -35.32
N LYS F 80 -6.06 -14.01 -34.23
CA LYS F 80 -6.32 -13.47 -32.90
C LYS F 80 -5.60 -12.14 -32.71
N LEU F 81 -4.40 -12.01 -33.27
CA LEU F 81 -3.67 -10.75 -33.16
C LEU F 81 -4.35 -9.65 -33.98
N LEU F 82 -4.90 -10.00 -35.15
CA LEU F 82 -5.64 -9.01 -35.93
C LEU F 82 -6.91 -8.57 -35.21
N VAL F 83 -7.58 -9.50 -34.52
CA VAL F 83 -8.74 -9.13 -33.73
C VAL F 83 -8.32 -8.36 -32.48
N ASP F 84 -7.22 -8.77 -31.85
CA ASP F 84 -6.68 -8.01 -30.73
C ASP F 84 -6.38 -6.58 -31.14
N SER F 85 -5.70 -6.40 -32.28
CA SER F 85 -5.42 -5.07 -32.78
C SER F 85 -6.69 -4.35 -33.20
N LEU F 86 -7.73 -5.09 -33.56
CA LEU F 86 -9.01 -4.47 -33.91
C LEU F 86 -9.66 -3.84 -32.68
N GLN F 87 -9.73 -4.58 -31.58
CA GLN F 87 -10.35 -4.06 -30.36
C GLN F 87 -9.44 -3.05 -29.66
N GLU F 88 -8.14 -3.06 -29.95
CA GLU F 88 -7.27 -2.00 -29.45
C GLU F 88 -7.64 -0.66 -30.06
N LYS F 89 -7.92 -0.65 -31.37
CA LYS F 89 -8.31 0.59 -32.03
C LYS F 89 -9.74 0.99 -31.70
N GLU F 90 -10.65 0.01 -31.62
CA GLU F 90 -12.06 0.33 -31.38
C GLU F 90 -12.26 0.89 -29.98
N ARG F 91 -11.55 0.35 -28.99
CA ARG F 91 -11.62 0.92 -27.64
C ARG F 91 -10.97 2.31 -27.60
N SER F 92 -10.03 2.57 -28.50
CA SER F 92 -9.48 3.92 -28.62
C SER F 92 -10.48 4.89 -29.23
N LYS F 93 -11.48 4.38 -29.96
CA LYS F 93 -12.57 5.23 -30.42
C LYS F 93 -13.51 5.59 -29.29
N LEU F 94 -13.67 4.70 -28.30
CA LEU F 94 -14.49 5.00 -27.14
C LEU F 94 -13.97 6.23 -26.41
N GLN F 95 -12.65 6.26 -26.14
CA GLN F 95 -12.07 7.39 -25.44
C GLN F 95 -11.93 8.62 -26.32
N ALA F 96 -11.76 8.43 -27.63
CA ALA F 96 -11.66 9.57 -28.54
C ALA F 96 -12.98 10.31 -28.66
N THR F 97 -14.07 9.57 -28.84
CA THR F 97 -15.39 10.20 -28.86
C THR F 97 -15.74 10.77 -27.50
N VAL F 98 -15.36 10.08 -26.42
CA VAL F 98 -15.60 10.61 -25.07
C VAL F 98 -14.85 11.93 -24.90
N LYS F 99 -13.58 11.95 -25.28
CA LYS F 99 -12.80 13.17 -25.18
C LYS F 99 -13.43 14.28 -26.01
N LEU F 100 -13.56 14.06 -27.33
CA LEU F 100 -14.11 15.08 -28.21
C LEU F 100 -15.48 15.56 -27.74
N GLU F 101 -16.28 14.65 -27.18
CA GLU F 101 -17.62 15.05 -26.73
C GLU F 101 -17.55 16.03 -25.58
N GLN F 102 -16.65 15.78 -24.62
CA GLN F 102 -16.57 16.66 -23.43
C GLN F 102 -16.09 18.04 -23.89
N LEU F 103 -15.07 18.08 -24.74
CA LEU F 103 -14.50 19.38 -25.20
C LEU F 103 -15.60 20.17 -25.88
N LYS F 104 -16.36 19.52 -26.78
CA LYS F 104 -17.40 20.26 -27.55
C LYS F 104 -18.43 20.87 -26.61
N VAL F 105 -18.97 20.08 -25.69
CA VAL F 105 -20.05 20.59 -24.78
C VAL F 105 -19.52 21.79 -24.01
N VAL F 106 -18.26 21.73 -23.54
CA VAL F 106 -17.72 22.82 -22.68
C VAL F 106 -16.74 23.67 -23.50
N SER F 107 -16.96 23.75 -24.82
CA SER F 107 -16.01 24.50 -25.69
C SER F 107 -16.19 26.00 -25.51
N THR F 108 -15.09 26.76 -25.65
CA THR F 108 -15.15 28.24 -25.55
C THR F 108 -14.80 28.82 -26.94
N ASN F 109 -14.92 28.00 -27.98
CA ASN F 109 -14.64 28.45 -29.37
C ASN F 109 -13.37 29.31 -29.41
N SER F 110 -12.45 29.09 -28.47
CA SER F 110 -11.20 29.81 -28.48
C SER F 110 -10.38 29.23 -29.62
N PRO F 111 -9.23 29.83 -29.96
CA PRO F 111 -8.44 29.26 -31.06
C PRO F 111 -7.89 27.87 -30.74
N VAL F 112 -7.29 27.68 -29.57
CA VAL F 112 -6.75 26.37 -29.19
C VAL F 112 -7.88 25.34 -29.11
N GLU F 113 -9.07 25.77 -28.69
CA GLU F 113 -10.20 24.84 -28.57
C GLU F 113 -10.54 24.19 -29.90
N ASN F 114 -10.69 25.00 -30.95
CA ASN F 114 -11.16 24.45 -32.23
C ASN F 114 -10.09 23.62 -32.91
N THR F 115 -8.80 23.96 -32.72
CA THR F 115 -7.74 23.08 -33.22
C THR F 115 -7.77 21.74 -32.49
N GLN F 116 -7.87 21.77 -31.16
CA GLN F 116 -7.92 20.55 -30.37
C GLN F 116 -8.99 19.59 -30.86
N ILE F 117 -10.18 20.10 -31.13
CA ILE F 117 -11.26 19.26 -31.64
C ILE F 117 -10.92 18.73 -33.02
N SER F 118 -10.25 19.54 -33.84
CA SER F 118 -9.91 19.12 -35.19
C SER F 118 -8.96 17.93 -35.18
N GLU F 119 -8.00 17.91 -34.26
CA GLU F 119 -7.14 16.74 -34.11
C GLU F 119 -7.94 15.52 -33.67
N LEU F 120 -8.81 15.70 -32.66
CA LEU F 120 -9.69 14.61 -32.25
C LEU F 120 -10.67 14.25 -33.36
N GLU F 121 -11.06 15.23 -34.18
CA GLU F 121 -11.88 14.94 -35.36
C GLU F 121 -11.13 14.07 -36.34
N ALA F 122 -9.87 14.42 -36.64
CA ALA F 122 -9.07 13.63 -37.55
C ALA F 122 -8.59 12.32 -36.91
N ARG F 123 -8.43 12.31 -35.59
CA ARG F 123 -8.04 11.08 -34.90
C ARG F 123 -9.08 9.99 -35.10
N LEU F 124 -10.37 10.37 -35.10
CA LEU F 124 -11.42 9.40 -35.38
C LEU F 124 -11.33 8.89 -36.81
N SER F 125 -11.00 9.76 -37.76
CA SER F 125 -10.84 9.33 -39.14
C SER F 125 -9.62 8.45 -39.32
N SER F 126 -8.55 8.73 -38.58
CA SER F 126 -7.36 7.89 -38.66
C SER F 126 -7.60 6.52 -38.02
N LEU F 127 -8.33 6.49 -36.91
CA LEU F 127 -8.68 5.21 -36.29
C LEU F 127 -9.62 4.41 -37.17
N SER F 128 -10.59 5.08 -37.80
CA SER F 128 -11.54 4.36 -38.64
C SER F 128 -10.88 3.80 -39.89
N LYS F 129 -9.95 4.54 -40.48
CA LYS F 129 -9.21 4.01 -41.63
C LYS F 129 -8.28 2.88 -41.22
N GLU F 130 -7.79 2.90 -39.97
CA GLU F 130 -7.01 1.78 -39.46
C GLU F 130 -7.89 0.59 -39.13
N ILE F 131 -9.12 0.84 -38.67
CA ILE F 131 -10.05 -0.26 -38.42
C ILE F 131 -10.43 -0.93 -39.74
N ASN F 132 -10.66 -0.14 -40.78
CA ASN F 132 -11.00 -0.71 -42.09
C ASN F 132 -9.83 -1.53 -42.64
N ASP F 133 -8.60 -1.08 -42.41
CA ASP F 133 -7.44 -1.83 -42.87
C ASP F 133 -7.27 -3.12 -42.08
N ILE F 134 -7.56 -3.08 -40.77
CA ILE F 134 -7.48 -4.28 -39.95
C ILE F 134 -8.57 -5.27 -40.35
N LEU F 135 -9.78 -4.78 -40.62
CA LEU F 135 -10.83 -5.65 -41.13
C LEU F 135 -10.46 -6.24 -42.47
N GLN F 136 -9.81 -5.45 -43.33
CA GLN F 136 -9.40 -5.94 -44.64
C GLN F 136 -8.33 -7.01 -44.48
N ASN F 137 -7.39 -6.80 -43.54
CA ASN F 137 -6.35 -7.79 -43.29
C ASN F 137 -6.93 -9.12 -42.82
N MSE F 138 -8.06 -9.09 -42.13
CA MSE F 138 -8.73 -10.31 -41.70
C MSE F 138 -9.33 -11.04 -42.91
O MSE F 138 -9.35 -12.27 -42.96
CB MSE F 138 -9.83 -10.00 -40.68
CG MSE F 138 -9.30 -9.44 -39.37
SE MSE F 138 -10.74 -8.99 -38.14
CE MSE F 138 -11.61 -10.73 -38.04
N LYS F 139 -9.79 -10.27 -43.89
CA LYS F 139 -10.30 -10.87 -45.12
C LYS F 139 -9.17 -11.54 -45.90
N ASP F 140 -7.97 -10.96 -45.89
CA ASP F 140 -6.82 -11.56 -46.53
C ASP F 140 -6.40 -12.86 -45.88
N GLU F 141 -6.75 -13.05 -44.61
CA GLU F 141 -6.47 -14.29 -43.89
C GLU F 141 -4.98 -14.59 -43.84
N ASP G 11 6.16 -13.72 -28.18
CA ASP G 11 6.98 -13.27 -27.05
C ASP G 11 6.13 -12.84 -25.87
N MSE G 12 6.73 -12.84 -24.69
CA MSE G 12 6.04 -12.40 -23.48
C MSE G 12 5.91 -10.89 -23.47
O MSE G 12 4.93 -10.34 -22.97
CB MSE G 12 6.78 -12.88 -22.24
CG MSE G 12 5.96 -12.84 -20.95
SE MSE G 12 4.49 -14.10 -20.95
CE MSE G 12 5.49 -15.75 -21.27
N GLU G 13 6.92 -10.21 -24.03
CA GLU G 13 6.90 -8.75 -24.11
C GLU G 13 5.76 -8.26 -24.97
N GLU G 14 5.30 -9.06 -25.92
CA GLU G 14 4.18 -8.66 -26.77
C GLU G 14 2.88 -8.60 -25.96
N THR G 15 2.59 -9.65 -25.21
CA THR G 15 1.33 -9.71 -24.47
C THR G 15 1.30 -8.67 -23.35
N VAL G 16 2.43 -8.46 -22.68
CA VAL G 16 2.47 -7.49 -21.58
C VAL G 16 2.23 -6.08 -22.11
N ASN G 17 2.72 -5.78 -23.31
CA ASN G 17 2.52 -4.44 -23.87
C ASN G 17 1.07 -4.20 -24.27
N LYS G 18 0.37 -5.23 -24.73
CA LYS G 18 -1.05 -5.08 -25.05
C LYS G 18 -1.86 -4.81 -23.79
N ILE G 19 -1.37 -5.25 -22.63
CA ILE G 19 -2.06 -4.96 -21.38
C ILE G 19 -1.72 -3.54 -20.90
N LEU G 20 -0.50 -3.07 -21.15
CA LEU G 20 -0.15 -1.70 -20.81
C LEU G 20 -0.97 -0.70 -21.62
N ARG G 21 -1.10 -0.93 -22.93
CA ARG G 21 -1.89 -0.03 -23.76
C ARG G 21 -3.37 -0.06 -23.39
N ALA G 22 -3.87 -1.20 -22.92
CA ALA G 22 -5.26 -1.26 -22.46
C ALA G 22 -5.42 -0.53 -21.14
N GLN G 23 -4.47 -0.69 -20.22
CA GLN G 23 -4.56 0.00 -18.94
C GLN G 23 -4.34 1.50 -19.09
N GLU G 24 -3.57 1.92 -20.09
CA GLU G 24 -3.40 3.36 -20.32
C GLU G 24 -4.70 4.00 -20.77
N THR G 25 -5.45 3.32 -21.65
CA THR G 25 -6.78 3.80 -22.01
C THR G 25 -7.69 3.84 -20.78
N ARG G 26 -7.52 2.91 -19.85
CA ARG G 26 -8.25 2.95 -18.59
C ARG G 26 -7.94 4.23 -17.81
N ALA G 27 -6.66 4.63 -17.78
CA ALA G 27 -6.28 5.83 -17.06
C ALA G 27 -6.85 7.08 -17.74
N GLN G 28 -6.83 7.13 -19.07
CA GLN G 28 -7.41 8.26 -19.77
C GLN G 28 -8.91 8.32 -19.57
N LEU G 29 -9.57 7.17 -19.39
CA LEU G 29 -10.99 7.16 -19.10
C LEU G 29 -11.29 7.77 -17.74
N TYR G 30 -10.46 7.47 -16.74
CA TYR G 30 -10.63 8.08 -15.43
C TYR G 30 -10.35 9.57 -15.46
N LYS G 31 -9.39 10.01 -16.29
CA LYS G 31 -9.12 11.44 -16.43
C LYS G 31 -10.35 12.16 -16.97
N GLU G 32 -10.97 11.62 -18.02
CA GLU G 32 -12.17 12.22 -18.57
C GLU G 32 -13.34 12.09 -17.61
N LEU G 33 -13.43 10.96 -16.89
CA LEU G 33 -14.50 10.78 -15.92
C LEU G 33 -14.37 11.76 -14.76
N GLU G 34 -13.14 11.94 -14.26
CA GLU G 34 -12.92 12.92 -13.20
C GLU G 34 -13.13 14.35 -13.69
N ASP G 35 -12.82 14.61 -14.97
CA ASP G 35 -13.04 15.95 -15.51
C ASP G 35 -14.51 16.30 -15.57
N ALA G 36 -15.35 15.36 -16.05
CA ALA G 36 -16.78 15.60 -16.10
C ALA G 36 -17.37 15.72 -14.70
N LEU G 37 -16.85 14.94 -13.74
CA LEU G 37 -17.33 15.03 -12.37
C LEU G 37 -16.88 16.34 -11.72
N ASN G 38 -15.64 16.76 -11.97
CA ASN G 38 -15.18 18.03 -11.42
C ASN G 38 -15.87 19.21 -12.09
N ALA G 39 -16.11 19.12 -13.40
CA ALA G 39 -16.78 20.20 -14.11
C ALA G 39 -18.25 20.30 -13.74
N ASN G 40 -18.85 19.23 -13.20
CA ASN G 40 -20.25 19.30 -12.78
C ASN G 40 -20.39 20.17 -11.55
N GLN G 41 -19.49 20.03 -10.58
CA GLN G 41 -19.53 20.87 -9.38
C GLN G 41 -19.26 22.33 -9.68
N GLU G 42 -18.60 22.62 -10.79
CA GLU G 42 -18.29 23.99 -11.20
C GLU G 42 -19.37 24.59 -12.09
N LYS G 43 -20.50 23.91 -12.26
CA LYS G 43 -21.63 24.40 -13.04
C LYS G 43 -21.23 24.71 -14.48
N LYS G 44 -20.50 23.78 -15.09
CA LYS G 44 -20.15 23.87 -16.50
C LYS G 44 -20.77 22.77 -17.35
N ILE G 45 -21.06 21.61 -16.76
CA ILE G 45 -21.75 20.52 -17.43
C ILE G 45 -23.01 20.22 -16.63
N GLY G 46 -24.14 20.13 -17.33
CA GLY G 46 -25.39 19.78 -16.67
C GLY G 46 -25.36 18.37 -16.11
N LEU G 47 -26.39 18.07 -15.31
CA LEU G 47 -26.50 16.75 -14.71
C LEU G 47 -26.73 15.66 -15.75
N GLU G 48 -27.22 16.02 -16.93
CA GLU G 48 -27.47 15.06 -18.00
C GLU G 48 -26.29 14.93 -18.95
N GLN G 49 -25.65 16.05 -19.29
CA GLN G 49 -24.49 16.01 -20.18
C GLN G 49 -23.30 15.27 -19.56
N MSE G 50 -23.27 15.17 -18.23
CA MSE G 50 -22.25 14.38 -17.56
C MSE G 50 -22.73 12.94 -17.40
O MSE G 50 -21.95 12.00 -17.47
CB MSE G 50 -21.93 14.99 -16.18
CG MSE G 50 -21.00 14.14 -15.33
SE MSE G 50 -21.46 14.29 -13.44
CE MSE G 50 -23.35 13.78 -13.55
N GLY G 51 -24.04 12.78 -17.20
CA GLY G 51 -24.62 11.46 -17.06
C GLY G 51 -24.39 10.58 -18.28
N ILE G 52 -24.32 11.18 -19.46
CA ILE G 52 -24.01 10.42 -20.66
C ILE G 52 -22.52 10.12 -20.74
N ILE G 53 -21.67 11.07 -20.33
CA ILE G 53 -20.23 10.85 -20.35
C ILE G 53 -19.87 9.65 -19.48
N VAL G 54 -20.58 9.49 -18.37
CA VAL G 54 -20.37 8.32 -17.52
C VAL G 54 -20.81 7.05 -18.23
N GLN G 55 -21.93 7.12 -18.97
CA GLN G 55 -22.39 5.95 -19.71
C GLN G 55 -21.33 5.47 -20.70
N LEU G 56 -20.68 6.40 -21.40
CA LEU G 56 -19.63 6.02 -22.34
C LEU G 56 -18.38 5.55 -21.60
N VAL G 57 -17.95 6.29 -20.58
CA VAL G 57 -16.74 5.92 -19.85
C VAL G 57 -16.91 4.58 -19.16
N THR G 58 -18.08 4.34 -18.55
CA THR G 58 -18.33 3.05 -17.91
C THR G 58 -18.26 1.92 -18.92
N GLU G 59 -18.67 2.16 -20.16
CA GLU G 59 -18.58 1.12 -21.18
C GLU G 59 -17.12 0.83 -21.54
N GLY G 60 -16.31 1.88 -21.70
CA GLY G 60 -14.91 1.65 -22.00
C GLY G 60 -14.18 0.90 -20.90
N LEU G 61 -14.55 1.19 -19.65
CA LEU G 61 -13.98 0.43 -18.52
C LEU G 61 -14.34 -1.04 -18.63
N ASN G 62 -15.56 -1.35 -19.09
CA ASN G 62 -15.96 -2.74 -19.29
C ASN G 62 -15.13 -3.39 -20.37
N GLU G 63 -14.86 -2.68 -21.46
CA GLU G 63 -14.04 -3.24 -22.54
C GLU G 63 -12.59 -3.41 -22.10
N VAL G 64 -12.04 -2.40 -21.41
CA VAL G 64 -10.67 -2.51 -20.92
C VAL G 64 -10.54 -3.66 -19.93
N SER G 65 -11.53 -3.80 -19.03
CA SER G 65 -11.48 -4.88 -18.05
C SER G 65 -11.58 -6.24 -18.72
N SER G 66 -12.40 -6.35 -19.78
CA SER G 66 -12.58 -7.63 -20.45
C SER G 66 -11.42 -7.97 -21.39
N ASP G 67 -10.76 -6.96 -21.95
CA ASP G 67 -9.59 -7.22 -22.78
C ASP G 67 -8.43 -7.73 -21.94
N ILE G 68 -8.18 -7.12 -20.78
CA ILE G 68 -7.04 -7.52 -19.96
C ILE G 68 -7.26 -8.90 -19.37
N ARG G 69 -8.51 -9.24 -19.02
CA ARG G 69 -8.78 -10.59 -18.53
C ARG G 69 -8.49 -11.63 -19.60
N ASN G 70 -8.83 -11.33 -20.86
CA ASN G 70 -8.52 -12.25 -21.94
C ASN G 70 -7.03 -12.31 -22.22
N TYR G 71 -6.35 -11.17 -22.20
CA TYR G 71 -4.91 -11.11 -22.40
C TYR G 71 -4.14 -11.79 -21.28
N GLN G 72 -4.79 -12.06 -20.13
CA GLN G 72 -4.12 -12.65 -18.98
C GLN G 72 -3.84 -14.13 -19.15
N ALA G 73 -4.61 -14.83 -20.00
CA ALA G 73 -4.46 -16.28 -20.10
C ALA G 73 -3.08 -16.67 -20.63
N SER G 74 -2.54 -15.90 -21.57
CA SER G 74 -1.25 -16.22 -22.17
C SER G 74 -0.13 -15.45 -21.46
N LEU G 75 -0.04 -15.68 -20.14
CA LEU G 75 0.98 -15.07 -19.31
C LEU G 75 1.50 -16.11 -18.32
N THR G 76 2.66 -15.81 -17.74
CA THR G 76 3.21 -16.66 -16.70
C THR G 76 2.40 -16.51 -15.41
N LYS G 77 2.44 -17.56 -14.59
CA LYS G 77 1.66 -17.57 -13.35
C LYS G 77 2.00 -16.38 -12.47
N GLU G 78 3.25 -15.92 -12.50
CA GLU G 78 3.63 -14.71 -11.75
C GLU G 78 2.94 -13.48 -12.32
N LEU G 79 3.01 -13.29 -13.64
CA LEU G 79 2.41 -12.12 -14.25
C LEU G 79 0.88 -12.14 -14.13
N LYS G 80 0.26 -13.32 -14.27
CA LYS G 80 -1.18 -13.41 -14.08
C LYS G 80 -1.59 -13.01 -12.66
N LEU G 81 -0.72 -13.27 -11.69
CA LEU G 81 -1.01 -12.85 -10.32
C LEU G 81 -0.91 -11.34 -10.19
N LEU G 82 0.03 -10.72 -10.91
CA LEU G 82 0.15 -9.26 -10.88
C LEU G 82 -1.03 -8.60 -11.57
N VAL G 83 -1.56 -9.22 -12.61
CA VAL G 83 -2.74 -8.67 -13.29
C VAL G 83 -3.98 -8.84 -12.43
N ASP G 84 -4.08 -9.98 -11.72
CA ASP G 84 -5.16 -10.15 -10.74
C ASP G 84 -5.12 -9.04 -9.69
N SER G 85 -3.91 -8.69 -9.23
CA SER G 85 -3.78 -7.56 -8.32
C SER G 85 -4.12 -6.25 -9.02
N LEU G 86 -3.81 -6.13 -10.32
CA LEU G 86 -4.16 -4.93 -11.05
C LEU G 86 -5.67 -4.80 -11.20
N GLN G 87 -6.36 -5.90 -11.54
CA GLN G 87 -7.81 -5.88 -11.61
C GLN G 87 -8.43 -5.57 -10.25
N GLU G 88 -7.89 -6.17 -9.18
CA GLU G 88 -8.46 -5.98 -7.86
C GLU G 88 -8.27 -4.55 -7.36
N LYS G 89 -7.11 -3.95 -7.64
CA LYS G 89 -6.89 -2.56 -7.24
C LYS G 89 -7.80 -1.61 -8.01
N GLU G 90 -8.00 -1.87 -9.30
CA GLU G 90 -8.88 -1.02 -10.10
C GLU G 90 -10.33 -1.16 -9.65
N ARG G 91 -10.69 -2.31 -9.04
CA ARG G 91 -12.02 -2.45 -8.46
C ARG G 91 -12.20 -1.50 -7.29
N SER G 92 -11.18 -1.37 -6.44
CA SER G 92 -11.28 -0.47 -5.30
C SER G 92 -11.21 0.99 -5.73
N LYS G 93 -10.46 1.30 -6.78
CA LYS G 93 -10.38 2.68 -7.26
C LYS G 93 -11.72 3.15 -7.81
N LEU G 94 -12.46 2.26 -8.47
CA LEU G 94 -13.77 2.62 -8.97
C LEU G 94 -14.73 2.91 -7.82
N GLN G 95 -14.78 2.01 -6.84
CA GLN G 95 -15.66 2.21 -5.69
C GLN G 95 -15.26 3.45 -4.90
N ALA G 96 -13.96 3.70 -4.76
CA ALA G 96 -13.51 4.92 -4.09
C ALA G 96 -13.89 6.18 -4.86
N THR G 97 -14.13 6.05 -6.18
CA THR G 97 -14.61 7.18 -6.95
C THR G 97 -16.11 7.35 -6.81
N VAL G 98 -16.86 6.24 -6.73
CA VAL G 98 -18.30 6.32 -6.51
C VAL G 98 -18.58 6.83 -5.10
N LYS G 99 -17.80 6.41 -4.12
CA LYS G 99 -17.94 6.95 -2.77
C LYS G 99 -17.70 8.46 -2.76
N LEU G 100 -16.75 8.93 -3.57
CA LEU G 100 -16.49 10.36 -3.66
C LEU G 100 -17.70 11.10 -4.22
N GLU G 101 -18.32 10.56 -5.28
CA GLU G 101 -19.49 11.19 -5.86
C GLU G 101 -20.66 11.20 -4.89
N GLN G 102 -20.79 10.15 -4.08
CA GLN G 102 -21.89 10.11 -3.12
C GLN G 102 -21.68 11.11 -1.99
N LEU G 103 -20.43 11.27 -1.53
CA LEU G 103 -20.16 12.15 -0.40
C LEU G 103 -20.08 13.61 -0.82
N LYS G 104 -19.65 13.88 -2.05
CA LYS G 104 -19.43 15.27 -2.46
C LYS G 104 -20.73 16.01 -2.72
N VAL G 105 -21.76 15.31 -3.19
CA VAL G 105 -23.00 15.97 -3.59
C VAL G 105 -24.04 16.03 -2.46
N VAL G 106 -23.87 15.23 -1.41
CA VAL G 106 -24.89 15.14 -0.37
C VAL G 106 -25.03 16.47 0.37
N SER G 107 -23.92 17.01 0.85
CA SER G 107 -23.96 18.20 1.69
C SER G 107 -22.86 19.17 1.27
N THR G 108 -22.85 20.33 1.92
CA THR G 108 -21.84 21.36 1.68
C THR G 108 -20.66 21.15 2.61
N ASN G 109 -19.77 22.15 2.69
CA ASN G 109 -18.54 22.02 3.44
C ASN G 109 -18.83 21.93 4.94
N SER G 110 -18.58 20.75 5.51
CA SER G 110 -18.63 20.53 6.95
C SER G 110 -17.38 19.75 7.36
N PRO G 111 -16.80 20.07 8.52
CA PRO G 111 -15.51 19.45 8.89
C PRO G 111 -15.56 17.94 8.98
N VAL G 112 -16.70 17.36 9.40
CA VAL G 112 -16.77 15.90 9.51
C VAL G 112 -16.79 15.25 8.14
N GLU G 113 -17.45 15.90 7.16
CA GLU G 113 -17.46 15.37 5.81
C GLU G 113 -16.25 15.80 5.00
N ASN G 114 -15.70 16.98 5.28
CA ASN G 114 -14.54 17.46 4.53
C ASN G 114 -13.32 16.57 4.77
N THR G 115 -13.15 16.08 6.00
CA THR G 115 -12.02 15.21 6.30
C THR G 115 -12.19 13.84 5.65
N GLN G 116 -13.43 13.33 5.62
CA GLN G 116 -13.68 12.03 4.99
C GLN G 116 -13.49 12.12 3.48
N ILE G 117 -13.87 13.25 2.88
CA ILE G 117 -13.66 13.43 1.44
C ILE G 117 -12.19 13.54 1.12
N SER G 118 -11.42 14.24 1.97
CA SER G 118 -9.99 14.36 1.75
C SER G 118 -9.29 13.02 1.94
N GLU G 119 -9.73 12.23 2.92
CA GLU G 119 -9.17 10.89 3.10
C GLU G 119 -9.53 9.98 1.93
N LEU G 120 -10.72 10.17 1.35
CA LEU G 120 -11.10 9.38 0.18
C LEU G 120 -10.29 9.77 -1.05
N GLU G 121 -9.94 11.06 -1.17
CA GLU G 121 -9.08 11.49 -2.26
C GLU G 121 -7.65 11.02 -2.06
N ALA G 122 -7.19 10.97 -0.80
CA ALA G 122 -5.86 10.45 -0.51
C ALA G 122 -5.77 8.95 -0.82
N ARG G 123 -6.85 8.21 -0.53
CA ARG G 123 -6.89 6.81 -0.91
C ARG G 123 -6.90 6.64 -2.43
N LEU G 124 -7.68 7.47 -3.12
CA LEU G 124 -7.71 7.41 -4.59
C LEU G 124 -6.34 7.72 -5.17
N SER G 125 -5.66 8.74 -4.63
CA SER G 125 -4.33 9.08 -5.14
C SER G 125 -3.31 8.00 -4.84
N SER G 126 -3.45 7.31 -3.71
CA SER G 126 -2.50 6.26 -3.37
C SER G 126 -2.73 5.01 -4.21
N LEU G 127 -4.00 4.70 -4.50
CA LEU G 127 -4.29 3.57 -5.38
C LEU G 127 -3.77 3.81 -6.79
N SER G 128 -3.90 5.04 -7.28
CA SER G 128 -3.39 5.37 -8.61
C SER G 128 -1.87 5.27 -8.65
N LYS G 129 -1.20 5.72 -7.60
CA LYS G 129 0.25 5.54 -7.52
C LYS G 129 0.62 4.06 -7.38
N GLU G 130 -0.20 3.30 -6.64
CA GLU G 130 0.05 1.87 -6.49
C GLU G 130 -0.16 1.13 -7.81
N ILE G 131 -1.20 1.51 -8.56
CA ILE G 131 -1.49 0.82 -9.82
C ILE G 131 -0.35 0.99 -10.81
N ASN G 132 0.14 2.22 -10.96
CA ASN G 132 1.29 2.45 -11.83
C ASN G 132 2.51 1.68 -11.36
N ASP G 133 2.65 1.48 -10.04
CA ASP G 133 3.74 0.66 -9.53
C ASP G 133 3.51 -0.81 -9.86
N ILE G 134 2.25 -1.25 -9.83
CA ILE G 134 1.93 -2.62 -10.24
C ILE G 134 2.33 -2.82 -11.70
N LEU G 135 2.03 -1.85 -12.56
CA LEU G 135 2.40 -1.95 -13.96
C LEU G 135 3.92 -1.98 -14.13
N GLN G 136 4.64 -1.24 -13.27
CA GLN G 136 6.10 -1.24 -13.34
C GLN G 136 6.67 -2.60 -12.97
N ASN G 137 6.00 -3.32 -12.05
CA ASN G 137 6.45 -4.67 -11.71
C ASN G 137 6.15 -5.59 -12.88
N MSE G 138 5.05 -5.34 -13.59
CA MSE G 138 4.78 -6.08 -14.81
C MSE G 138 5.86 -5.82 -15.86
O MSE G 138 6.30 -6.74 -16.57
CB MSE G 138 3.40 -5.71 -15.36
CG MSE G 138 2.25 -6.18 -14.47
SE MSE G 138 0.51 -5.65 -15.06
CE MSE G 138 0.38 -6.84 -16.60
N LYS G 139 6.30 -4.56 -15.97
CA LYS G 139 7.40 -4.23 -16.88
C LYS G 139 8.73 -4.90 -16.53
N ASP G 140 9.12 -4.83 -15.24
CA ASP G 140 10.37 -5.42 -14.82
C ASP G 140 10.39 -6.93 -15.01
N GLU G 141 9.23 -7.57 -14.85
CA GLU G 141 9.02 -9.01 -15.02
C GLU G 141 10.22 -9.88 -14.63
N ASP H 11 -30.12 -33.47 -19.62
CA ASP H 11 -28.88 -33.61 -20.38
C ASP H 11 -28.50 -32.29 -21.03
N MSE H 12 -28.61 -32.23 -22.35
CA MSE H 12 -28.30 -31.02 -23.09
C MSE H 12 -29.45 -30.02 -22.97
O MSE H 12 -29.25 -28.81 -23.02
CB MSE H 12 -28.03 -31.34 -24.56
CG MSE H 12 -27.50 -30.17 -25.37
SE MSE H 12 -26.06 -29.23 -24.44
CE MSE H 12 -25.97 -27.64 -25.56
N GLU H 13 -30.67 -30.55 -22.80
CA GLU H 13 -31.85 -29.71 -22.77
C GLU H 13 -31.98 -28.91 -21.48
N GLU H 14 -31.25 -29.28 -20.43
CA GLU H 14 -31.31 -28.50 -19.20
C GLU H 14 -30.66 -27.13 -19.37
N THR H 15 -29.62 -27.04 -20.22
CA THR H 15 -29.02 -25.75 -20.52
C THR H 15 -29.82 -25.00 -21.57
N VAL H 16 -30.38 -25.73 -22.54
CA VAL H 16 -31.23 -25.11 -23.56
C VAL H 16 -32.42 -24.42 -22.91
N ASN H 17 -33.05 -25.09 -21.95
CA ASN H 17 -34.19 -24.49 -21.26
C ASN H 17 -33.77 -23.23 -20.51
N LYS H 18 -32.61 -23.26 -19.85
CA LYS H 18 -32.12 -22.06 -19.19
C LYS H 18 -31.79 -20.96 -20.18
N ILE H 19 -31.28 -21.32 -21.35
CA ILE H 19 -31.10 -20.35 -22.43
C ILE H 19 -32.46 -19.84 -22.90
N LEU H 20 -33.43 -20.74 -23.06
CA LEU H 20 -34.77 -20.34 -23.46
C LEU H 20 -35.43 -19.50 -22.36
N ARG H 21 -35.17 -19.82 -21.10
CA ARG H 21 -35.71 -19.02 -19.99
C ARG H 21 -35.23 -17.58 -20.08
N ALA H 22 -33.92 -17.38 -20.34
CA ALA H 22 -33.38 -16.02 -20.35
C ALA H 22 -33.93 -15.21 -21.51
N GLN H 23 -34.26 -15.85 -22.63
CA GLN H 23 -34.83 -15.12 -23.75
C GLN H 23 -36.23 -14.58 -23.43
N GLU H 24 -36.97 -15.28 -22.56
CA GLU H 24 -38.29 -14.79 -22.16
C GLU H 24 -38.18 -13.44 -21.46
N THR H 25 -37.18 -13.28 -20.59
CA THR H 25 -36.97 -12.01 -19.91
C THR H 25 -36.52 -10.93 -20.87
N ARG H 26 -35.77 -11.29 -21.92
CA ARG H 26 -35.35 -10.30 -22.91
C ARG H 26 -36.52 -9.84 -23.76
N ALA H 27 -37.31 -10.79 -24.28
CA ALA H 27 -38.55 -10.42 -24.96
C ALA H 27 -39.48 -9.67 -24.03
N GLN H 28 -39.40 -9.94 -22.72
CA GLN H 28 -40.08 -9.13 -21.73
C GLN H 28 -39.53 -7.70 -21.72
N LEU H 29 -38.20 -7.58 -21.62
CA LEU H 29 -37.60 -6.25 -21.46
C LEU H 29 -37.79 -5.38 -22.69
N TYR H 30 -37.88 -5.97 -23.89
CA TYR H 30 -38.27 -5.18 -25.05
C TYR H 30 -39.69 -4.66 -24.89
N LYS H 31 -40.59 -5.52 -24.40
CA LYS H 31 -41.98 -5.12 -24.23
C LYS H 31 -42.10 -4.00 -23.21
N GLU H 32 -41.36 -4.09 -22.10
CA GLU H 32 -41.29 -2.97 -21.17
C GLU H 32 -40.71 -1.74 -21.84
N LEU H 33 -39.65 -1.92 -22.63
CA LEU H 33 -39.06 -0.79 -23.34
C LEU H 33 -40.04 -0.19 -24.34
N GLU H 34 -40.87 -1.03 -24.97
CA GLU H 34 -41.75 -0.54 -26.01
C GLU H 34 -42.86 0.34 -25.44
N ASP H 35 -43.59 -0.17 -24.44
CA ASP H 35 -44.72 0.60 -23.91
C ASP H 35 -44.24 1.78 -23.06
N ALA H 36 -43.15 1.60 -22.32
CA ALA H 36 -42.63 2.71 -21.52
C ALA H 36 -42.09 3.83 -22.41
N LEU H 37 -41.54 3.48 -23.58
CA LEU H 37 -41.09 4.52 -24.50
C LEU H 37 -42.26 5.30 -25.07
N ASN H 38 -43.30 4.61 -25.54
CA ASN H 38 -44.46 5.25 -26.13
C ASN H 38 -45.48 5.71 -25.09
N ALA H 39 -45.15 5.63 -23.81
CA ALA H 39 -46.00 6.19 -22.75
C ALA H 39 -45.58 7.62 -22.44
N ASN H 40 -45.50 8.44 -23.49
CA ASN H 40 -45.08 9.84 -23.37
C ASN H 40 -46.30 10.66 -22.95
N GLN H 41 -46.52 10.72 -21.64
CA GLN H 41 -47.61 11.49 -21.03
C GLN H 41 -48.99 11.00 -21.50
N GLU H 42 -49.10 9.70 -21.79
CA GLU H 42 -50.38 9.07 -22.09
C GLU H 42 -50.24 7.55 -22.11
N ILE H 45 -46.10 8.89 -17.45
CA ILE H 45 -44.66 8.97 -17.04
C ILE H 45 -44.05 10.22 -17.69
N GLY H 46 -42.76 10.15 -18.04
CA GLY H 46 -42.12 11.29 -18.73
C GLY H 46 -40.83 11.71 -18.08
N LEU H 47 -40.27 12.83 -18.51
CA LEU H 47 -39.04 13.37 -17.88
C LEU H 47 -37.98 12.27 -17.78
N GLU H 48 -37.35 12.13 -16.61
CA GLU H 48 -36.24 11.14 -16.44
C GLU H 48 -36.77 9.81 -15.94
N GLN H 49 -38.04 9.75 -15.52
CA GLN H 49 -38.60 8.45 -15.11
C GLN H 49 -38.35 7.51 -16.29
N MSE H 50 -38.83 7.91 -17.47
CA MSE H 50 -38.51 7.11 -18.67
C MSE H 50 -36.99 7.01 -18.75
O MSE H 50 -36.48 5.91 -19.08
CB MSE H 50 -39.02 7.81 -19.94
CG MSE H 50 -38.32 7.37 -21.20
SE MSE H 50 -39.64 6.65 -22.45
CE MSE H 50 -41.09 7.95 -22.60
N GLY H 51 -36.31 8.11 -18.43
CA GLY H 51 -34.84 8.11 -18.55
C GLY H 51 -34.22 6.91 -17.85
N ILE H 52 -34.54 6.70 -16.57
CA ILE H 52 -33.97 5.57 -15.78
C ILE H 52 -34.54 4.26 -16.31
N ILE H 53 -35.86 4.18 -16.48
CA ILE H 53 -36.45 2.89 -16.93
C ILE H 53 -35.52 2.26 -17.97
N VAL H 54 -35.06 3.04 -18.95
CA VAL H 54 -34.18 2.54 -20.00
C VAL H 54 -32.87 2.05 -19.41
N GLN H 55 -32.30 2.81 -18.47
CA GLN H 55 -31.03 2.42 -17.86
C GLN H 55 -31.14 1.07 -17.18
N LEU H 56 -32.26 0.79 -16.51
CA LEU H 56 -32.46 -0.51 -15.90
C LEU H 56 -32.76 -1.58 -16.94
N VAL H 57 -33.49 -1.21 -18.00
CA VAL H 57 -33.87 -2.19 -19.02
C VAL H 57 -32.63 -2.70 -19.76
N THR H 58 -31.74 -1.78 -20.17
CA THR H 58 -30.51 -2.20 -20.83
C THR H 58 -29.66 -3.06 -19.90
N GLU H 59 -29.63 -2.73 -18.61
CA GLU H 59 -28.89 -3.55 -17.66
C GLU H 59 -29.46 -4.97 -17.60
N GLY H 60 -30.78 -5.09 -17.66
CA GLY H 60 -31.38 -6.42 -17.76
C GLY H 60 -30.96 -7.14 -19.03
N LEU H 61 -30.99 -6.42 -20.16
CA LEU H 61 -30.51 -7.01 -21.41
C LEU H 61 -29.04 -7.37 -21.32
N ASN H 62 -28.25 -6.56 -20.59
CA ASN H 62 -26.82 -6.82 -20.50
C ASN H 62 -26.54 -8.13 -19.79
N GLU H 63 -27.27 -8.42 -18.71
CA GLU H 63 -27.07 -9.67 -18.00
C GLU H 63 -27.68 -10.85 -18.75
N VAL H 64 -28.79 -10.63 -19.45
CA VAL H 64 -29.39 -11.70 -20.25
C VAL H 64 -28.47 -12.06 -21.42
N SER H 65 -27.94 -11.05 -22.12
CA SER H 65 -26.96 -11.31 -23.17
C SER H 65 -25.67 -11.89 -22.61
N SER H 66 -25.38 -11.66 -21.32
CA SER H 66 -24.25 -12.28 -20.65
C SER H 66 -24.60 -13.65 -20.08
N ASP H 67 -25.84 -13.81 -19.58
CA ASP H 67 -26.27 -15.13 -19.13
C ASP H 67 -26.26 -16.13 -20.28
N ILE H 68 -26.82 -15.74 -21.42
CA ILE H 68 -26.82 -16.62 -22.60
C ILE H 68 -25.40 -16.89 -23.04
N ARG H 69 -24.53 -15.87 -22.99
CA ARG H 69 -23.13 -16.08 -23.33
C ARG H 69 -22.48 -17.12 -22.43
N ASN H 70 -22.77 -17.07 -21.12
CA ASN H 70 -22.22 -18.03 -20.19
C ASN H 70 -22.95 -19.37 -20.25
N TYR H 71 -24.28 -19.33 -20.38
CA TYR H 71 -25.05 -20.56 -20.55
C TYR H 71 -24.62 -21.30 -21.80
N GLN H 72 -24.27 -20.57 -22.86
CA GLN H 72 -23.84 -21.19 -24.10
C GLN H 72 -22.47 -21.86 -23.96
N ALA H 73 -21.62 -21.36 -23.07
CA ALA H 73 -20.25 -21.87 -22.97
C ALA H 73 -20.22 -23.36 -22.68
N SER H 74 -21.26 -23.90 -22.04
CA SER H 74 -21.44 -25.34 -21.91
C SER H 74 -22.28 -25.78 -23.09
N LEU H 75 -21.64 -26.39 -24.09
CA LEU H 75 -22.23 -26.49 -25.41
C LEU H 75 -21.85 -27.79 -26.10
N THR H 76 -22.64 -28.13 -27.11
CA THR H 76 -22.24 -29.00 -28.20
C THR H 76 -22.14 -28.18 -29.47
N LYS H 77 -21.42 -28.71 -30.46
CA LYS H 77 -21.17 -27.93 -31.67
C LYS H 77 -22.45 -27.61 -32.42
N GLU H 78 -23.44 -28.50 -32.37
CA GLU H 78 -24.68 -28.26 -33.10
C GLU H 78 -25.46 -27.09 -32.51
N LEU H 79 -25.55 -27.01 -31.19
CA LEU H 79 -26.42 -26.03 -30.55
C LEU H 79 -25.76 -24.68 -30.34
N LYS H 80 -24.43 -24.59 -30.47
CA LYS H 80 -23.75 -23.30 -30.39
C LYS H 80 -24.11 -22.41 -31.57
N LEU H 81 -24.07 -22.96 -32.78
CA LEU H 81 -24.23 -22.15 -33.97
C LEU H 81 -25.63 -21.56 -34.06
N LEU H 82 -26.63 -22.21 -33.45
CA LEU H 82 -27.94 -21.58 -33.33
C LEU H 82 -27.88 -20.37 -32.40
N VAL H 83 -27.16 -20.49 -31.29
CA VAL H 83 -27.03 -19.38 -30.36
C VAL H 83 -26.23 -18.25 -31.00
N ASP H 84 -25.18 -18.60 -31.75
CA ASP H 84 -24.35 -17.58 -32.38
C ASP H 84 -25.18 -16.67 -33.29
N SER H 85 -26.15 -17.23 -34.00
CA SER H 85 -27.05 -16.42 -34.81
C SER H 85 -28.11 -15.74 -33.96
N LEU H 86 -28.46 -16.31 -32.80
CA LEU H 86 -29.42 -15.66 -31.91
C LEU H 86 -28.86 -14.34 -31.38
N GLN H 87 -27.59 -14.34 -30.99
CA GLN H 87 -26.94 -13.09 -30.59
C GLN H 87 -26.92 -12.10 -31.75
N GLU H 88 -26.69 -12.60 -32.97
CA GLU H 88 -26.65 -11.73 -34.14
C GLU H 88 -27.97 -11.02 -34.36
N LYS H 89 -29.08 -11.77 -34.31
CA LYS H 89 -30.39 -11.16 -34.46
C LYS H 89 -30.67 -10.18 -33.31
N GLU H 90 -30.33 -10.57 -32.08
CA GLU H 90 -30.57 -9.70 -30.94
C GLU H 90 -29.71 -8.45 -30.99
N ARG H 91 -28.44 -8.59 -31.41
CA ARG H 91 -27.59 -7.42 -31.61
C ARG H 91 -28.14 -6.53 -32.72
N SER H 92 -28.51 -7.13 -33.85
CA SER H 92 -29.12 -6.36 -34.93
C SER H 92 -30.47 -5.78 -34.52
N LYS H 93 -31.17 -6.46 -33.61
CA LYS H 93 -32.45 -5.93 -33.12
C LYS H 93 -32.25 -4.67 -32.30
N LEU H 94 -31.16 -4.61 -31.52
CA LEU H 94 -30.79 -3.36 -30.86
C LEU H 94 -30.57 -2.25 -31.87
N GLN H 95 -29.80 -2.53 -32.92
CA GLN H 95 -29.48 -1.50 -33.91
C GLN H 95 -30.74 -0.91 -34.54
N ALA H 96 -31.71 -1.76 -34.84
CA ALA H 96 -32.96 -1.27 -35.43
C ALA H 96 -33.84 -0.58 -34.40
N THR H 97 -33.81 -1.03 -33.15
CA THR H 97 -34.65 -0.40 -32.13
C THR H 97 -34.18 1.01 -31.81
N VAL H 98 -32.87 1.22 -31.76
CA VAL H 98 -32.34 2.56 -31.54
C VAL H 98 -32.63 3.45 -32.74
N LYS H 99 -32.49 2.90 -33.95
CA LYS H 99 -32.73 3.69 -35.16
C LYS H 99 -34.19 4.09 -35.27
N LEU H 100 -35.11 3.21 -34.85
CA LEU H 100 -36.53 3.53 -34.93
C LEU H 100 -36.87 4.72 -34.05
N GLU H 101 -36.38 4.73 -32.80
CA GLU H 101 -36.66 5.83 -31.89
C GLU H 101 -36.03 7.12 -32.38
N GLN H 102 -34.89 7.04 -33.06
CA GLN H 102 -34.30 8.25 -33.65
C GLN H 102 -35.18 8.80 -34.77
N LEU H 103 -35.91 7.93 -35.47
CA LEU H 103 -36.75 8.39 -36.57
C LEU H 103 -38.01 9.08 -36.06
N LYS H 104 -38.82 8.37 -35.27
CA LYS H 104 -40.14 8.88 -34.92
C LYS H 104 -40.06 10.17 -34.10
N VAL H 105 -38.98 10.38 -33.37
CA VAL H 105 -38.87 11.57 -32.52
C VAL H 105 -38.44 12.78 -33.33
N VAL H 106 -37.40 12.62 -34.15
CA VAL H 106 -36.81 13.76 -34.85
C VAL H 106 -37.51 14.07 -36.17
N SER H 107 -38.20 13.11 -36.76
CA SER H 107 -38.78 13.30 -38.08
C SER H 107 -40.19 13.88 -38.00
N THR H 108 -40.60 14.51 -39.10
CA THR H 108 -41.97 15.00 -39.24
C THR H 108 -42.91 13.83 -39.52
N ASN H 109 -44.18 14.13 -39.76
CA ASN H 109 -45.18 13.13 -40.09
C ASN H 109 -45.52 13.29 -41.56
N SER H 110 -44.72 12.66 -42.42
CA SER H 110 -44.96 12.61 -43.84
C SER H 110 -45.06 11.16 -44.29
N PRO H 111 -45.87 10.88 -45.32
CA PRO H 111 -46.05 9.48 -45.73
C PRO H 111 -44.77 8.77 -46.13
N VAL H 112 -43.85 9.48 -46.80
CA VAL H 112 -42.59 8.85 -47.17
C VAL H 112 -41.77 8.52 -45.92
N GLU H 113 -41.88 9.35 -44.88
CA GLU H 113 -41.14 9.08 -43.65
C GLU H 113 -41.79 7.96 -42.85
N ASN H 114 -43.13 7.92 -42.82
CA ASN H 114 -43.82 6.89 -42.05
C ASN H 114 -43.61 5.51 -42.65
N THR H 115 -43.44 5.42 -43.98
CA THR H 115 -43.16 4.13 -44.60
C THR H 115 -41.73 3.70 -44.33
N GLN H 116 -40.79 4.65 -44.31
CA GLN H 116 -39.44 4.33 -43.89
C GLN H 116 -39.41 3.86 -42.44
N ILE H 117 -40.27 4.44 -41.60
CA ILE H 117 -40.46 3.93 -40.26
C ILE H 117 -41.10 2.55 -40.29
N SER H 118 -42.04 2.34 -41.21
CA SER H 118 -42.70 1.05 -41.32
C SER H 118 -41.72 -0.06 -41.70
N GLU H 119 -40.69 0.27 -42.49
CA GLU H 119 -39.66 -0.71 -42.83
C GLU H 119 -38.96 -1.21 -41.57
N LEU H 120 -38.55 -0.30 -40.69
CA LEU H 120 -37.90 -0.72 -39.46
C LEU H 120 -38.84 -1.49 -38.55
N GLU H 121 -40.12 -1.10 -38.52
CA GLU H 121 -41.09 -1.82 -37.72
C GLU H 121 -41.37 -3.20 -38.30
N ALA H 122 -41.47 -3.29 -39.63
CA ALA H 122 -41.64 -4.60 -40.26
C ALA H 122 -40.37 -5.44 -40.17
N ARG H 123 -39.20 -4.79 -40.14
CA ARG H 123 -37.95 -5.53 -39.97
C ARG H 123 -37.81 -6.04 -38.54
N LEU H 124 -38.20 -5.22 -37.56
CA LEU H 124 -38.20 -5.67 -36.17
C LEU H 124 -39.10 -6.89 -36.00
N SER H 125 -40.25 -6.90 -36.69
CA SER H 125 -41.12 -8.07 -36.64
C SER H 125 -40.46 -9.26 -37.35
N SER H 126 -39.78 -9.01 -38.46
CA SER H 126 -39.10 -10.10 -39.17
C SER H 126 -37.94 -10.65 -38.34
N LEU H 127 -37.17 -9.76 -37.69
CA LEU H 127 -36.11 -10.23 -36.81
C LEU H 127 -36.69 -10.98 -35.61
N SER H 128 -37.84 -10.53 -35.12
CA SER H 128 -38.48 -11.22 -34.00
C SER H 128 -38.98 -12.60 -34.40
N LYS H 129 -39.46 -12.75 -35.65
CA LYS H 129 -39.88 -14.06 -36.13
C LYS H 129 -38.68 -14.97 -36.35
N GLU H 130 -37.57 -14.42 -36.85
CA GLU H 130 -36.36 -15.21 -37.04
C GLU H 130 -35.84 -15.74 -35.71
N ILE H 131 -35.87 -14.90 -34.66
CA ILE H 131 -35.49 -15.35 -33.34
C ILE H 131 -36.40 -16.48 -32.87
N ASN H 132 -37.72 -16.29 -33.02
CA ASN H 132 -38.67 -17.30 -32.58
C ASN H 132 -38.50 -18.60 -33.35
N ASP H 133 -38.27 -18.50 -34.67
CA ASP H 133 -38.03 -19.69 -35.47
C ASP H 133 -36.75 -20.40 -35.03
N ILE H 134 -35.75 -19.64 -34.59
CA ILE H 134 -34.51 -20.25 -34.11
C ILE H 134 -34.71 -20.86 -32.73
N LEU H 135 -35.48 -20.19 -31.88
CA LEU H 135 -35.76 -20.73 -30.55
C LEU H 135 -36.50 -22.06 -30.64
N GLN H 136 -37.45 -22.18 -31.56
CA GLN H 136 -38.12 -23.47 -31.78
C GLN H 136 -37.18 -24.47 -32.43
N ASN H 137 -36.24 -24.01 -33.26
CA ASN H 137 -35.26 -24.91 -33.84
C ASN H 137 -34.32 -25.46 -32.77
N MSE H 138 -34.04 -24.69 -31.73
CA MSE H 138 -33.25 -25.15 -30.59
C MSE H 138 -34.02 -26.21 -29.84
O MSE H 138 -33.47 -27.26 -29.47
CB MSE H 138 -32.91 -23.99 -29.67
CG MSE H 138 -32.07 -22.90 -30.29
SE MSE H 138 -31.15 -21.83 -28.97
CE MSE H 138 -30.45 -20.46 -30.16
N LYS H 139 -35.30 -25.91 -29.57
CA LYS H 139 -36.14 -26.84 -28.83
C LYS H 139 -36.26 -28.18 -29.56
N ASP H 140 -36.36 -28.14 -30.88
CA ASP H 140 -36.35 -29.36 -31.68
C ASP H 140 -34.93 -29.87 -31.95
N GLU H 141 -33.91 -29.07 -31.65
CA GLU H 141 -32.51 -29.44 -31.86
C GLU H 141 -32.23 -29.82 -33.31
#